data_2J7P
#
_entry.id   2J7P
#
_cell.length_a   51.029
_cell.length_b   129.556
_cell.length_c   88.964
_cell.angle_alpha   90.00
_cell.angle_beta   91.66
_cell.angle_gamma   90.00
#
_symmetry.space_group_name_H-M   'P 1 21 1'
#
loop_
_entity.id
_entity.type
_entity.pdbx_description
1 polymer 'SIGNAL RECOGNITION PARTICLE PROTEIN'
2 polymer 'CELL DIVISION PROTEIN FTSY'
3 non-polymer 1,2-ETHANEDIOL
4 non-polymer 'IODIDE ION'
5 non-polymer 'PHOSPHOAMINOPHOSPHONIC ACID-GUANYLATE ESTER'
6 non-polymer 'MAGNESIUM ION'
7 non-polymer 'POTASSIUM ION'
8 water water
#
loop_
_entity_poly.entity_id
_entity_poly.type
_entity_poly.pdbx_seq_one_letter_code
_entity_poly.pdbx_strand_id
1 'polypeptide(L)'
;MFQQLSARLQEAIGRLRGRGRITEEDLKATLREIRRALMDADVNLEVARDFVERVREEALGKQVLESLTPAEVILATVYE
ALKEALGGEARLPVLKDRNLWFLVGLQGSGKTTTAAKLALYYKGKGRRPLLVAADTQRPAAREQLRLLGEKVGVPVLEVM
DGESPESIRRRVEEKARLEARDLILVDTAGRLQIDEPLMGELARLKEVLGPDEVLLVLDAMTGQEALSVARAFDEKVGVT
GLVLTKLDGDARGGAALSARHVTGKPIYFAGVSEKPEGLEPFYPERLAGRILGM
;
A,B
2 'polypeptide(L)'
;IPWGGNLEEVLEELEMALLAADVGLSATEEILQEVRASGRKDLKEAVKEKLVGMLEPDERRATLRKLGFNPQKPKPVEPK
GRVVLVVGVNGVGKTTTIAKLGRYYQNLGKKVMFCAGDTFRAAGGTQLSEWGKRLSIPVIQGPEGTDPAALAYDAVQAMK
ARGYDLLFVDTAGRLHTKHNLMEELKKVKRAIAKADPEEPKEVWLVLDAVTGQNGLEQAKKFHEAVGLTGVIVTKLDGTA
KGGVLIPIVRTLKVPIKFVGVGEGPDDLQPFDPEAFVEALLED
;
D,E
#
loop_
_chem_comp.id
_chem_comp.type
_chem_comp.name
_chem_comp.formula
EDO non-polymer 1,2-ETHANEDIOL 'C2 H6 O2'
GNP non-polymer 'PHOSPHOAMINOPHOSPHONIC ACID-GUANYLATE ESTER' 'C10 H17 N6 O13 P3'
IOD non-polymer 'IODIDE ION' 'I -1'
K non-polymer 'POTASSIUM ION' 'K 1'
MG non-polymer 'MAGNESIUM ION' 'Mg 2'
#
# COMPACT_ATOMS: atom_id res chain seq x y z
N GLN A 3 -1.60 7.70 -25.30
CA GLN A 3 -2.83 8.02 -24.52
C GLN A 3 -2.71 7.42 -23.11
N GLN A 4 -2.73 8.30 -22.10
CA GLN A 4 -2.59 7.84 -20.72
C GLN A 4 -3.91 7.29 -20.19
N LEU A 5 -3.87 6.11 -19.60
CA LEU A 5 -5.03 5.52 -18.94
C LEU A 5 -4.84 5.65 -17.43
N SER A 6 -5.83 5.22 -16.65
CA SER A 6 -5.62 5.08 -15.21
C SER A 6 -4.43 4.14 -14.98
N ALA A 7 -3.84 4.22 -13.79
CA ALA A 7 -2.66 3.41 -13.46
C ALA A 7 -2.91 1.92 -13.69
N ARG A 8 -4.08 1.44 -13.27
CA ARG A 8 -4.45 0.03 -13.39
C ARG A 8 -4.55 -0.46 -14.84
N LEU A 9 -5.23 0.32 -15.67
CA LEU A 9 -5.37 0.01 -17.09
C LEU A 9 -4.08 0.22 -17.89
N GLN A 10 -3.27 1.19 -17.52
CA GLN A 10 -1.96 1.36 -18.16
C GLN A 10 -1.10 0.12 -17.98
N GLU A 11 -1.14 -0.44 -16.77
CA GLU A 11 -0.41 -1.67 -16.47
C GLU A 11 -1.01 -2.86 -17.21
N ALA A 12 -2.32 -3.09 -17.10
CA ALA A 12 -3.01 -4.21 -17.77
C ALA A 12 -2.86 -4.21 -19.30
N ILE A 13 -3.07 -3.04 -19.91
CA ILE A 13 -2.87 -2.89 -21.37
C ILE A 13 -1.39 -2.85 -21.75
N GLY A 14 -0.62 -2.02 -21.06
CA GLY A 14 0.82 -1.88 -21.31
C GLY A 14 1.60 -3.18 -21.30
N ARG A 15 1.27 -4.08 -20.38
CA ARG A 15 2.03 -5.34 -20.26
C ARG A 15 1.81 -6.30 -21.42
N LEU A 16 0.90 -5.93 -22.33
CA LEU A 16 0.55 -6.78 -23.47
C LEU A 16 1.20 -6.28 -24.74
N ARG A 17 1.67 -5.04 -24.71
CA ARG A 17 2.10 -4.35 -25.91
C ARG A 17 3.41 -4.91 -26.46
N GLY A 18 3.48 -5.00 -27.79
CA GLY A 18 4.68 -5.48 -28.46
C GLY A 18 4.99 -6.94 -28.24
N ARG A 19 4.05 -7.71 -27.73
CA ARG A 19 4.35 -9.08 -27.36
C ARG A 19 3.74 -10.11 -28.30
N GLY A 20 3.27 -9.65 -29.47
CA GLY A 20 2.61 -10.52 -30.42
C GLY A 20 1.34 -11.12 -29.84
N ARG A 21 1.01 -12.32 -30.28
CA ARG A 21 -0.18 -13.02 -29.78
C ARG A 21 -0.02 -13.39 -28.34
N ILE A 22 -1.14 -13.31 -27.61
CA ILE A 22 -1.19 -13.58 -26.18
C ILE A 22 -2.03 -14.81 -25.90
N THR A 23 -1.72 -15.48 -24.81
CA THR A 23 -2.46 -16.68 -24.40
C THR A 23 -3.89 -16.35 -23.95
N GLU A 24 -4.75 -17.36 -23.89
CA GLU A 24 -6.09 -17.15 -23.36
C GLU A 24 -6.06 -16.69 -21.87
N GLU A 25 -5.03 -17.10 -21.16
CA GLU A 25 -4.84 -16.71 -19.76
C GLU A 25 -4.48 -15.24 -19.63
N ASP A 26 -3.68 -14.71 -20.55
CA ASP A 26 -3.36 -13.28 -20.59
C ASP A 26 -4.60 -12.47 -20.96
N LEU A 27 -5.43 -13.01 -21.85
CA LEU A 27 -6.69 -12.35 -22.16
C LEU A 27 -7.58 -12.33 -20.93
N LYS A 28 -7.68 -13.46 -20.22
CA LYS A 28 -8.60 -13.51 -19.10
C LYS A 28 -8.08 -12.61 -17.99
N ALA A 29 -6.77 -12.55 -17.83
CA ALA A 29 -6.15 -11.69 -16.84
C ALA A 29 -6.50 -10.22 -17.14
N THR A 30 -6.44 -9.86 -18.41
CA THR A 30 -6.65 -8.48 -18.87
C THR A 30 -8.12 -8.05 -18.61
N LEU A 31 -9.06 -8.90 -19.00
CA LEU A 31 -10.48 -8.61 -18.78
C LEU A 31 -10.84 -8.49 -17.28
N ARG A 32 -10.22 -9.30 -16.44
CA ARG A 32 -10.42 -9.22 -15.00
C ARG A 32 -9.98 -7.83 -14.50
N GLU A 33 -8.81 -7.39 -14.94
CA GLU A 33 -8.32 -6.06 -14.60
C GLU A 33 -9.24 -4.95 -15.10
N ILE A 34 -9.82 -5.10 -16.29
CA ILE A 34 -10.80 -4.13 -16.79
C ILE A 34 -12.02 -4.05 -15.86
N ARG A 35 -12.56 -5.21 -15.49
CA ARG A 35 -13.70 -5.30 -14.58
C ARG A 35 -13.37 -4.59 -13.25
N ARG A 36 -12.18 -4.84 -12.68
CA ARG A 36 -11.73 -4.19 -11.45
C ARG A 36 -11.58 -2.66 -11.59
N ALA A 37 -10.96 -2.21 -12.69
CA ALA A 37 -10.90 -0.77 -13.01
C ALA A 37 -12.28 -0.11 -13.03
N LEU A 38 -13.26 -0.79 -13.61
CA LEU A 38 -14.59 -0.21 -13.74
C LEU A 38 -15.22 -0.07 -12.37
N MET A 39 -15.06 -1.11 -11.55
CA MET A 39 -15.51 -1.10 -10.16
C MET A 39 -14.81 -0.04 -9.31
N ASP A 40 -13.51 0.16 -9.53
CA ASP A 40 -12.77 1.25 -8.89
C ASP A 40 -13.38 2.61 -9.23
N ALA A 41 -13.96 2.68 -10.42
CA ALA A 41 -14.60 3.87 -10.95
C ALA A 41 -16.07 3.95 -10.55
N ASP A 42 -16.49 3.07 -9.64
CA ASP A 42 -17.82 3.09 -9.06
C ASP A 42 -18.90 2.58 -10.02
N VAL A 43 -18.50 1.80 -11.03
CA VAL A 43 -19.45 1.06 -11.84
C VAL A 43 -19.97 -0.09 -10.98
N ASN A 44 -21.29 -0.28 -11.00
CA ASN A 44 -21.92 -1.30 -10.17
C ASN A 44 -21.36 -2.67 -10.54
N LEU A 45 -21.10 -3.51 -9.54
CA LEU A 45 -20.36 -4.75 -9.83
C LEU A 45 -21.03 -5.65 -10.86
N GLU A 46 -22.36 -5.75 -10.84
CA GLU A 46 -23.12 -6.53 -11.83
C GLU A 46 -23.03 -5.91 -13.23
N VAL A 47 -23.15 -4.58 -13.29
CA VAL A 47 -23.01 -3.86 -14.55
C VAL A 47 -21.60 -4.11 -15.09
N ALA A 48 -20.60 -4.01 -14.22
CA ALA A 48 -19.20 -4.23 -14.61
C ALA A 48 -19.02 -5.62 -15.20
N ARG A 49 -19.56 -6.64 -14.53
CA ARG A 49 -19.46 -8.02 -15.00
C ARG A 49 -20.08 -8.17 -16.38
N ASP A 50 -21.30 -7.63 -16.53
N ASP A 50 -21.30 -7.64 -16.54
CA ASP A 50 -22.07 -7.63 -17.79
CA ASP A 50 -21.98 -7.70 -17.83
C ASP A 50 -21.32 -6.97 -18.95
C ASP A 50 -21.13 -7.04 -18.92
N PHE A 51 -20.74 -5.80 -18.68
CA PHE A 51 -19.96 -5.04 -19.66
C PHE A 51 -18.72 -5.79 -20.16
N VAL A 52 -17.95 -6.37 -19.24
CA VAL A 52 -16.74 -7.11 -19.62
C VAL A 52 -17.07 -8.42 -20.36
N GLU A 53 -18.23 -9.00 -20.09
N GLU A 53 -18.19 -9.03 -19.97
CA GLU A 53 -18.73 -10.10 -20.94
CA GLU A 53 -18.80 -10.16 -20.69
C GLU A 53 -19.01 -9.64 -22.37
C GLU A 53 -18.89 -9.81 -22.16
N ARG A 54 -19.56 -8.44 -22.50
N ARG A 54 -19.56 -8.69 -22.44
CA ARG A 54 -19.84 -7.84 -23.80
CA ARG A 54 -19.73 -8.15 -23.78
C ARG A 54 -18.55 -7.51 -24.57
C ARG A 54 -18.38 -7.90 -24.46
N VAL A 55 -17.54 -7.07 -23.84
CA VAL A 55 -16.21 -6.76 -24.41
C VAL A 55 -15.49 -8.03 -24.84
N ARG A 56 -15.51 -9.05 -23.98
CA ARG A 56 -14.91 -10.34 -24.29
C ARG A 56 -15.46 -10.89 -25.61
N GLU A 57 -16.78 -10.87 -25.77
CA GLU A 57 -17.38 -11.42 -26.98
C GLU A 57 -17.03 -10.62 -28.23
N GLU A 58 -17.09 -9.29 -28.13
CA GLU A 58 -16.67 -8.40 -29.22
C GLU A 58 -15.18 -8.56 -29.62
N ALA A 59 -14.28 -8.62 -28.63
CA ALA A 59 -12.87 -8.85 -28.92
C ALA A 59 -12.63 -10.18 -29.63
N LEU A 60 -13.35 -11.23 -29.20
CA LEU A 60 -13.21 -12.56 -29.80
C LEU A 60 -13.70 -12.60 -31.26
N GLY A 61 -14.75 -11.83 -31.57
CA GLY A 61 -15.17 -11.61 -32.96
C GLY A 61 -14.23 -10.71 -33.78
N LYS A 62 -13.37 -9.96 -33.10
CA LYS A 62 -12.28 -9.25 -33.78
C LYS A 62 -10.99 -10.08 -33.77
N GLN A 63 -11.10 -11.38 -33.47
CA GLN A 63 -9.97 -12.32 -33.55
C GLN A 63 -8.84 -11.94 -32.60
N VAL A 64 -9.17 -11.45 -31.41
CA VAL A 64 -8.17 -10.94 -30.47
C VAL A 64 -7.04 -11.95 -30.20
N LEU A 65 -7.36 -13.23 -30.24
CA LEU A 65 -6.36 -14.24 -29.95
C LEU A 65 -5.50 -14.62 -31.15
N GLU A 66 -5.87 -14.12 -32.34
CA GLU A 66 -5.03 -14.26 -33.55
C GLU A 66 -4.23 -12.99 -33.84
N SER A 67 -4.72 -11.87 -33.31
CA SER A 67 -4.09 -10.57 -33.51
C SER A 67 -2.69 -10.49 -32.91
N LEU A 68 -1.80 -9.79 -33.60
CA LEU A 68 -0.45 -9.51 -33.09
C LEU A 68 -0.43 -8.22 -32.29
N THR A 69 -1.54 -7.49 -32.31
CA THR A 69 -1.69 -6.28 -31.53
C THR A 69 -2.95 -6.36 -30.64
N PRO A 70 -3.03 -7.37 -29.77
CA PRO A 70 -4.25 -7.48 -28.97
C PRO A 70 -4.43 -6.30 -27.99
N ALA A 71 -3.36 -5.67 -27.52
CA ALA A 71 -3.50 -4.45 -26.69
C ALA A 71 -4.41 -3.41 -27.37
N GLU A 72 -4.24 -3.28 -28.68
CA GLU A 72 -4.99 -2.32 -29.49
C GLU A 72 -6.44 -2.75 -29.67
N VAL A 73 -6.63 -4.03 -29.96
CA VAL A 73 -7.97 -4.58 -30.11
C VAL A 73 -8.77 -4.42 -28.81
N ILE A 74 -8.18 -4.77 -27.67
CA ILE A 74 -8.88 -4.76 -26.40
C ILE A 74 -9.26 -3.32 -26.01
N LEU A 75 -8.29 -2.42 -26.07
CA LEU A 75 -8.49 -1.01 -25.70
C LEU A 75 -9.58 -0.38 -26.55
N ALA A 76 -9.50 -0.57 -27.86
CA ALA A 76 -10.51 -0.05 -28.80
C ALA A 76 -11.90 -0.59 -28.52
N THR A 77 -11.98 -1.89 -28.26
CA THR A 77 -13.26 -2.51 -27.90
C THR A 77 -13.83 -1.89 -26.63
N VAL A 78 -12.98 -1.72 -25.62
CA VAL A 78 -13.42 -1.19 -24.31
C VAL A 78 -13.91 0.25 -24.45
N TYR A 79 -13.09 1.09 -25.07
CA TYR A 79 -13.46 2.48 -25.28
C TYR A 79 -14.76 2.66 -26.04
N GLU A 80 -14.84 2.04 -27.22
CA GLU A 80 -16.01 2.20 -28.07
C GLU A 80 -17.26 1.64 -27.38
N ALA A 81 -17.13 0.50 -26.68
CA ALA A 81 -18.25 -0.09 -25.93
C ALA A 81 -18.71 0.82 -24.79
N LEU A 82 -17.77 1.51 -24.17
CA LEU A 82 -18.11 2.37 -23.05
C LEU A 82 -18.78 3.66 -23.57
N LYS A 83 -18.18 4.30 -24.58
CA LYS A 83 -18.83 5.43 -25.25
C LYS A 83 -20.26 5.07 -25.65
N GLU A 84 -20.45 3.88 -26.21
CA GLU A 84 -21.78 3.47 -26.71
C GLU A 84 -22.77 3.27 -25.56
N ALA A 85 -22.33 2.56 -24.52
CA ALA A 85 -23.19 2.26 -23.39
C ALA A 85 -23.58 3.52 -22.63
N LEU A 86 -22.78 4.57 -22.75
CA LEU A 86 -23.07 5.87 -22.13
C LEU A 86 -23.94 6.79 -22.97
N GLY A 87 -24.23 6.37 -24.20
CA GLY A 87 -25.14 7.13 -25.05
C GLY A 87 -24.66 7.34 -26.48
N GLY A 88 -23.37 7.14 -26.73
CA GLY A 88 -22.83 7.35 -28.06
C GLY A 88 -22.44 8.79 -28.33
N GLU A 89 -23.42 9.63 -28.63
CA GLU A 89 -23.18 11.06 -28.87
C GLU A 89 -23.98 11.93 -27.92
N ALA A 90 -23.63 13.21 -27.81
CA ALA A 90 -24.39 14.15 -27.01
C ALA A 90 -25.83 14.23 -27.54
N ARG A 91 -26.79 14.34 -26.62
CA ARG A 91 -28.20 14.44 -26.96
C ARG A 91 -28.90 15.29 -25.90
N LEU A 92 -29.63 16.30 -26.35
CA LEU A 92 -30.36 17.18 -25.46
C LEU A 92 -31.87 16.91 -25.59
N PRO A 93 -32.67 17.32 -24.57
CA PRO A 93 -34.12 17.13 -24.64
C PRO A 93 -34.69 17.82 -25.87
N VAL A 94 -35.75 17.25 -26.47
CA VAL A 94 -36.46 17.95 -27.53
C VAL A 94 -37.67 18.65 -26.93
N LEU A 95 -37.65 19.99 -26.93
CA LEU A 95 -38.73 20.74 -26.34
C LEU A 95 -39.96 20.88 -27.25
N LYS A 96 -41.12 20.96 -26.62
CA LYS A 96 -42.40 21.08 -27.31
C LYS A 96 -42.86 22.53 -27.15
N ASP A 97 -44.06 22.84 -27.66
CA ASP A 97 -44.69 24.14 -27.43
C ASP A 97 -44.86 24.45 -25.92
N ARG A 98 -45.32 23.46 -25.15
CA ARG A 98 -45.38 23.56 -23.69
C ARG A 98 -44.53 22.43 -23.11
N ASN A 99 -43.85 22.74 -22.00
CA ASN A 99 -42.94 21.79 -21.35
C ASN A 99 -43.06 21.91 -19.84
N LEU A 100 -43.24 20.76 -19.18
CA LEU A 100 -43.22 20.65 -17.72
C LEU A 100 -42.30 19.47 -17.34
N TRP A 101 -41.25 19.76 -16.58
CA TRP A 101 -40.24 18.73 -16.22
C TRP A 101 -40.15 18.64 -14.71
N PHE A 102 -39.79 17.44 -14.21
CA PHE A 102 -39.50 17.17 -12.79
C PHE A 102 -38.00 16.95 -12.64
N LEU A 103 -37.45 17.40 -11.51
CA LEU A 103 -36.12 17.04 -11.05
C LEU A 103 -36.29 16.19 -9.79
N VAL A 104 -35.82 14.95 -9.87
CA VAL A 104 -35.99 13.96 -8.81
C VAL A 104 -34.64 13.31 -8.43
N GLY A 105 -34.57 12.66 -7.27
CA GLY A 105 -33.35 11.93 -6.92
C GLY A 105 -33.14 11.91 -5.43
N LEU A 106 -31.98 11.44 -5.01
CA LEU A 106 -31.65 11.32 -3.59
C LEU A 106 -31.39 12.66 -2.95
N GLN A 107 -31.46 12.70 -1.62
CA GLN A 107 -31.12 13.88 -0.82
C GLN A 107 -29.71 14.37 -1.12
N GLY A 108 -29.59 15.62 -1.53
CA GLY A 108 -28.28 16.27 -1.67
C GLY A 108 -27.64 16.17 -3.04
N SER A 109 -28.31 15.51 -3.99
CA SER A 109 -27.72 15.21 -5.29
C SER A 109 -27.50 16.41 -6.19
N GLY A 110 -28.28 17.48 -6.01
CA GLY A 110 -28.08 18.70 -6.81
C GLY A 110 -29.34 19.22 -7.50
N LYS A 111 -30.52 18.74 -7.09
CA LYS A 111 -31.79 19.05 -7.81
C LYS A 111 -32.15 20.54 -7.85
N THR A 112 -32.12 21.19 -6.69
CA THR A 112 -32.55 22.58 -6.58
C THR A 112 -31.64 23.47 -7.46
N THR A 113 -30.33 23.27 -7.33
CA THR A 113 -29.30 24.00 -8.12
C THR A 113 -29.44 23.71 -9.61
N THR A 114 -29.64 22.44 -9.95
CA THR A 114 -29.89 22.03 -11.33
C THR A 114 -31.14 22.67 -11.96
N ALA A 115 -32.23 22.76 -11.19
CA ALA A 115 -33.45 23.42 -11.69
C ALA A 115 -33.11 24.85 -12.15
N ALA A 116 -32.37 25.58 -11.32
CA ALA A 116 -31.97 26.96 -11.63
C ALA A 116 -31.01 27.05 -12.83
N LYS A 117 -30.11 26.07 -12.96
CA LYS A 117 -29.15 26.01 -14.07
C LYS A 117 -29.91 25.80 -15.39
N LEU A 118 -30.90 24.93 -15.36
CA LEU A 118 -31.74 24.69 -16.53
C LEU A 118 -32.55 25.92 -16.87
N ALA A 119 -33.03 26.65 -15.86
CA ALA A 119 -33.79 27.87 -16.10
C ALA A 119 -32.94 28.87 -16.91
N LEU A 120 -31.71 29.11 -16.44
CA LEU A 120 -30.75 29.99 -17.13
C LEU A 120 -30.39 29.51 -18.52
N TYR A 121 -30.11 28.22 -18.65
CA TYR A 121 -29.69 27.67 -19.94
C TYR A 121 -30.76 27.90 -21.00
N TYR A 122 -32.01 27.62 -20.65
CA TYR A 122 -33.11 27.74 -21.62
C TYR A 122 -33.61 29.18 -21.80
N LYS A 123 -33.52 29.99 -20.76
CA LYS A 123 -33.80 31.42 -20.88
C LYS A 123 -32.92 31.99 -22.01
N GLY A 124 -31.61 31.74 -21.91
CA GLY A 124 -30.64 32.13 -22.95
C GLY A 124 -30.95 31.63 -24.35
N LYS A 125 -31.75 30.58 -24.45
CA LYS A 125 -32.16 30.08 -25.76
C LYS A 125 -33.55 30.59 -26.16
N GLY A 126 -34.04 31.60 -25.46
CA GLY A 126 -35.31 32.23 -25.80
C GLY A 126 -36.56 31.46 -25.40
N ARG A 127 -36.46 30.60 -24.39
CA ARG A 127 -37.66 30.03 -23.80
C ARG A 127 -38.01 30.90 -22.60
N ARG A 128 -39.19 30.69 -22.02
CA ARG A 128 -39.62 31.48 -20.87
C ARG A 128 -39.94 30.55 -19.71
N PRO A 129 -38.95 30.27 -18.85
CA PRO A 129 -39.11 29.31 -17.78
C PRO A 129 -39.85 29.80 -16.53
N LEU A 130 -40.43 28.85 -15.81
CA LEU A 130 -41.01 29.08 -14.51
C LEU A 130 -40.45 28.01 -13.56
N LEU A 131 -39.88 28.42 -12.43
CA LEU A 131 -39.43 27.46 -11.40
C LEU A 131 -40.55 27.20 -10.41
N VAL A 132 -40.65 25.97 -9.94
CA VAL A 132 -41.67 25.59 -8.97
C VAL A 132 -40.95 24.93 -7.77
N ALA A 133 -41.01 25.59 -6.62
CA ALA A 133 -40.41 25.10 -5.37
C ALA A 133 -41.42 24.19 -4.71
N ALA A 134 -41.32 22.90 -5.04
CA ALA A 134 -42.30 21.91 -4.59
C ALA A 134 -41.86 21.11 -3.34
N ASP A 135 -40.66 21.41 -2.84
CA ASP A 135 -40.08 20.78 -1.63
C ASP A 135 -40.56 21.56 -0.42
N THR A 136 -41.47 20.96 0.34
CA THR A 136 -42.03 21.60 1.52
C THR A 136 -41.58 20.93 2.82
N GLN A 137 -40.56 20.08 2.75
CA GLN A 137 -40.10 19.35 3.94
C GLN A 137 -38.74 19.85 4.41
N ARG A 138 -37.85 20.14 3.46
CA ARG A 138 -36.51 20.65 3.80
C ARG A 138 -36.59 22.10 4.29
N PRO A 139 -36.01 22.42 5.47
CA PRO A 139 -35.99 23.82 5.95
C PRO A 139 -35.35 24.79 4.95
N ALA A 140 -36.06 25.88 4.62
CA ALA A 140 -35.59 26.94 3.72
C ALA A 140 -35.39 26.50 2.24
N ALA A 141 -35.99 25.37 1.85
CA ALA A 141 -35.97 24.89 0.45
C ALA A 141 -36.61 25.88 -0.50
N ARG A 142 -37.78 26.40 -0.13
CA ARG A 142 -38.50 27.38 -0.96
C ARG A 142 -37.70 28.67 -1.19
N GLU A 143 -37.16 29.21 -0.10
CA GLU A 143 -36.29 30.39 -0.15
C GLU A 143 -35.02 30.14 -0.98
N GLN A 144 -34.46 28.94 -0.81
CA GLN A 144 -33.29 28.53 -1.58
C GLN A 144 -33.57 28.63 -3.08
N LEU A 145 -34.69 28.10 -3.56
CA LEU A 145 -35.00 28.24 -4.99
C LEU A 145 -35.42 29.68 -5.38
N ARG A 146 -36.15 30.37 -4.50
CA ARG A 146 -36.51 31.78 -4.77
C ARG A 146 -35.27 32.62 -5.04
N LEU A 147 -34.29 32.52 -4.14
CA LEU A 147 -33.03 33.23 -4.26
C LEU A 147 -32.27 32.92 -5.54
N LEU A 148 -32.29 31.65 -5.95
CA LEU A 148 -31.64 31.23 -7.21
C LEU A 148 -32.40 31.74 -8.43
N GLY A 149 -33.74 31.76 -8.35
CA GLY A 149 -34.55 32.31 -9.43
C GLY A 149 -34.30 33.79 -9.62
N GLU A 150 -34.23 34.53 -8.52
CA GLU A 150 -33.91 35.97 -8.55
C GLU A 150 -32.56 36.19 -9.24
N LYS A 151 -31.57 35.39 -8.85
CA LYS A 151 -30.24 35.45 -9.43
C LYS A 151 -30.23 35.24 -10.95
N VAL A 152 -31.05 34.31 -11.45
CA VAL A 152 -31.07 34.02 -12.88
C VAL A 152 -32.21 34.73 -13.63
N GLY A 153 -33.01 35.52 -12.90
CA GLY A 153 -34.07 36.33 -13.49
C GLY A 153 -35.22 35.52 -14.06
N VAL A 154 -35.72 34.60 -13.24
CA VAL A 154 -36.77 33.67 -13.64
C VAL A 154 -37.69 33.53 -12.42
N PRO A 155 -39.02 33.65 -12.62
CA PRO A 155 -39.92 33.66 -11.47
C PRO A 155 -40.03 32.30 -10.78
N VAL A 156 -40.34 32.30 -9.49
CA VAL A 156 -40.44 31.09 -8.68
C VAL A 156 -41.80 31.00 -7.97
N LEU A 157 -42.58 29.99 -8.34
CA LEU A 157 -43.81 29.69 -7.64
C LEU A 157 -43.48 28.76 -6.46
N GLU A 158 -43.86 29.17 -5.26
CA GLU A 158 -43.54 28.43 -4.06
C GLU A 158 -44.78 27.69 -3.57
N VAL A 159 -44.67 26.37 -3.46
CA VAL A 159 -45.77 25.51 -3.08
C VAL A 159 -46.05 25.74 -1.60
N MET A 160 -47.33 25.76 -1.22
CA MET A 160 -47.68 26.00 0.19
C MET A 160 -47.67 24.72 1.03
N ASP A 161 -47.30 24.83 2.31
CA ASP A 161 -47.48 23.74 3.28
C ASP A 161 -48.86 23.09 3.10
N GLY A 162 -48.89 21.77 2.94
CA GLY A 162 -50.15 21.06 2.81
C GLY A 162 -50.86 21.14 1.47
N GLU A 163 -50.32 21.91 0.52
CA GLU A 163 -51.01 22.12 -0.75
C GLU A 163 -51.13 20.86 -1.58
N SER A 164 -52.36 20.56 -1.99
CA SER A 164 -52.66 19.34 -2.74
C SER A 164 -52.10 19.42 -4.16
N PRO A 165 -51.79 18.27 -4.79
CA PRO A 165 -51.26 18.28 -6.14
C PRO A 165 -52.18 19.03 -7.12
N GLU A 166 -53.48 18.88 -6.93
CA GLU A 166 -54.44 19.51 -7.83
C GLU A 166 -54.40 21.02 -7.72
N SER A 167 -54.29 21.52 -6.49
CA SER A 167 -54.13 22.94 -6.25
C SER A 167 -52.84 23.47 -6.86
N ILE A 168 -51.74 22.74 -6.67
CA ILE A 168 -50.47 23.09 -7.32
C ILE A 168 -50.65 23.24 -8.83
N ARG A 169 -51.24 22.22 -9.46
CA ARG A 169 -51.50 22.21 -10.89
C ARG A 169 -52.25 23.46 -11.36
N ARG A 170 -53.32 23.81 -10.67
CA ARG A 170 -54.11 25.02 -10.99
C ARG A 170 -53.28 26.31 -10.91
N ARG A 171 -52.54 26.48 -9.81
CA ARG A 171 -51.73 27.71 -9.63
C ARG A 171 -50.62 27.81 -10.67
N VAL A 172 -50.02 26.66 -10.98
CA VAL A 172 -48.93 26.59 -11.97
C VAL A 172 -49.41 26.88 -13.40
N GLU A 173 -50.51 26.26 -13.81
CA GLU A 173 -51.04 26.50 -15.17
C GLU A 173 -51.49 27.95 -15.37
N GLU A 174 -52.02 28.55 -14.32
CA GLU A 174 -52.48 29.95 -14.32
C GLU A 174 -51.34 30.98 -14.35
N LYS A 175 -50.29 30.77 -13.54
CA LYS A 175 -49.10 31.60 -13.64
C LYS A 175 -48.47 31.45 -15.02
N ALA A 176 -48.41 30.21 -15.52
CA ALA A 176 -47.84 29.97 -16.84
C ALA A 176 -48.68 30.62 -17.94
N ARG A 177 -49.99 30.72 -17.70
CA ARG A 177 -50.89 31.41 -18.65
C ARG A 177 -50.67 32.92 -18.56
N LEU A 178 -50.87 33.47 -17.37
CA LEU A 178 -50.72 34.92 -17.17
C LEU A 178 -49.36 35.46 -17.64
N GLU A 179 -48.31 34.63 -17.62
CA GLU A 179 -46.95 35.11 -17.93
C GLU A 179 -46.31 34.50 -19.17
N ALA A 180 -47.10 33.75 -19.92
CA ALA A 180 -46.66 33.00 -21.10
C ALA A 180 -45.34 32.20 -20.89
N ARG A 181 -45.34 31.34 -19.87
CA ARG A 181 -44.18 30.53 -19.51
C ARG A 181 -44.28 29.18 -20.21
N ASP A 182 -43.26 28.81 -20.97
CA ASP A 182 -43.30 27.60 -21.80
C ASP A 182 -42.42 26.44 -21.32
N LEU A 183 -41.65 26.67 -20.27
CA LEU A 183 -40.82 25.62 -19.67
C LEU A 183 -40.98 25.64 -18.15
N ILE A 184 -41.69 24.67 -17.59
CA ILE A 184 -41.92 24.67 -16.16
C ILE A 184 -41.06 23.60 -15.49
N LEU A 185 -40.26 24.04 -14.52
CA LEU A 185 -39.24 23.17 -13.90
C LEU A 185 -39.61 22.91 -12.44
N VAL A 186 -40.02 21.68 -12.14
CA VAL A 186 -40.52 21.35 -10.81
C VAL A 186 -39.43 20.67 -10.00
N ASP A 187 -38.96 21.37 -8.99
CA ASP A 187 -37.95 20.89 -8.07
C ASP A 187 -38.60 20.11 -6.90
N THR A 188 -38.31 18.81 -6.79
CA THR A 188 -38.94 17.96 -5.76
C THR A 188 -37.94 17.69 -4.63
N ALA A 189 -38.43 17.36 -3.44
CA ALA A 189 -37.57 17.07 -2.32
C ALA A 189 -36.75 15.80 -2.57
N GLY A 190 -35.58 15.72 -1.96
CA GLY A 190 -34.77 14.51 -1.99
C GLY A 190 -35.51 13.44 -1.23
N ARG A 191 -35.34 12.19 -1.66
CA ARG A 191 -36.04 11.08 -1.01
C ARG A 191 -35.26 9.80 -1.25
N LEU A 192 -35.32 8.87 -0.30
CA LEU A 192 -34.79 7.50 -0.54
C LEU A 192 -35.63 6.72 -1.54
N GLN A 193 -34.99 5.89 -2.38
CA GLN A 193 -35.74 5.13 -3.38
C GLN A 193 -36.61 4.03 -2.72
N ILE A 194 -36.32 3.73 -1.45
CA ILE A 194 -37.05 2.69 -0.69
C ILE A 194 -38.10 3.28 0.28
N ASP A 195 -38.22 4.60 0.27
CA ASP A 195 -39.21 5.28 1.10
C ASP A 195 -40.51 5.22 0.33
N GLU A 196 -41.28 4.14 0.53
CA GLU A 196 -42.52 3.91 -0.21
C GLU A 196 -43.57 5.03 -0.11
N PRO A 197 -43.84 5.54 1.11
CA PRO A 197 -44.71 6.74 1.14
C PRO A 197 -44.25 7.93 0.28
N LEU A 198 -42.98 8.32 0.33
CA LEU A 198 -42.55 9.50 -0.45
C LEU A 198 -42.42 9.19 -1.92
N MET A 199 -42.07 7.96 -2.27
CA MET A 199 -42.04 7.56 -3.68
C MET A 199 -43.45 7.55 -4.23
N GLY A 200 -44.40 7.11 -3.40
CA GLY A 200 -45.83 7.16 -3.75
C GLY A 200 -46.31 8.60 -3.94
N GLU A 201 -45.94 9.51 -3.04
CA GLU A 201 -46.24 10.94 -3.20
C GLU A 201 -45.75 11.46 -4.54
N LEU A 202 -44.48 11.18 -4.85
CA LEU A 202 -43.87 11.64 -6.11
C LEU A 202 -44.61 11.11 -7.34
N ALA A 203 -44.95 9.84 -7.34
CA ALA A 203 -45.71 9.26 -8.43
C ALA A 203 -47.07 9.94 -8.57
N ARG A 204 -47.69 10.35 -7.47
N ARG A 204 -47.68 10.30 -7.43
CA ARG A 204 -49.01 11.00 -7.53
CA ARG A 204 -48.96 11.02 -7.36
C ARG A 204 -48.91 12.46 -8.01
C ARG A 204 -48.83 12.36 -8.08
N LEU A 205 -47.80 13.11 -7.71
CA LEU A 205 -47.52 14.46 -8.29
C LEU A 205 -47.28 14.38 -9.81
N LYS A 206 -46.54 13.36 -10.24
CA LYS A 206 -46.37 13.06 -11.67
C LYS A 206 -47.68 12.78 -12.42
N GLU A 207 -48.55 11.96 -11.83
CA GLU A 207 -49.86 11.65 -12.45
C GLU A 207 -50.72 12.90 -12.61
N VAL A 208 -50.69 13.78 -11.62
CA VAL A 208 -51.51 14.99 -11.65
C VAL A 208 -50.89 16.06 -12.59
N LEU A 209 -49.61 16.34 -12.42
CA LEU A 209 -48.91 17.36 -13.23
C LEU A 209 -48.57 16.96 -14.68
N GLY A 210 -48.50 15.66 -14.96
CA GLY A 210 -48.13 15.17 -16.28
C GLY A 210 -46.85 15.73 -16.93
N PRO A 211 -45.69 15.59 -16.25
CA PRO A 211 -44.46 16.14 -16.85
C PRO A 211 -44.07 15.42 -18.13
N ASP A 212 -43.47 16.18 -19.05
CA ASP A 212 -42.93 15.65 -20.28
C ASP A 212 -41.62 14.93 -20.06
N GLU A 213 -40.84 15.42 -19.09
CA GLU A 213 -39.56 14.85 -18.75
C GLU A 213 -39.49 14.69 -17.25
N VAL A 214 -38.87 13.61 -16.82
CA VAL A 214 -38.59 13.40 -15.42
C VAL A 214 -37.11 13.09 -15.33
N LEU A 215 -36.35 14.03 -14.77
CA LEU A 215 -34.90 13.95 -14.76
C LEU A 215 -34.39 13.47 -13.42
N LEU A 216 -33.74 12.30 -13.43
CA LEU A 216 -33.02 11.82 -12.26
C LEU A 216 -31.69 12.54 -12.13
N VAL A 217 -31.56 13.30 -11.06
CA VAL A 217 -30.33 14.04 -10.81
C VAL A 217 -29.46 13.14 -9.94
N LEU A 218 -28.33 12.72 -10.50
CA LEU A 218 -27.43 11.79 -9.87
C LEU A 218 -26.05 12.44 -9.67
N ASP A 219 -25.62 12.50 -8.41
CA ASP A 219 -24.31 12.98 -8.01
C ASP A 219 -23.24 12.04 -8.61
N ALA A 220 -22.23 12.61 -9.24
CA ALA A 220 -21.14 11.81 -9.84
C ALA A 220 -20.39 10.93 -8.85
N MET A 221 -20.38 11.30 -7.57
CA MET A 221 -19.65 10.52 -6.58
C MET A 221 -20.41 9.30 -6.06
N THR A 222 -21.63 9.10 -6.53
CA THR A 222 -22.50 8.00 -6.09
C THR A 222 -21.84 6.64 -6.34
N GLY A 223 -21.91 5.74 -5.35
CA GLY A 223 -21.24 4.47 -5.45
C GLY A 223 -22.14 3.35 -6.00
N GLN A 224 -21.97 2.17 -5.43
CA GLN A 224 -22.62 0.94 -5.92
C GLN A 224 -24.16 0.95 -5.96
N GLU A 225 -24.77 1.77 -5.10
CA GLU A 225 -26.23 1.83 -5.01
C GLU A 225 -26.91 2.57 -6.18
N ALA A 226 -26.11 3.16 -7.06
CA ALA A 226 -26.65 3.87 -8.21
C ALA A 226 -27.59 2.98 -9.04
N LEU A 227 -27.26 1.69 -9.16
CA LEU A 227 -28.09 0.80 -9.97
C LEU A 227 -29.47 0.68 -9.34
N SER A 228 -29.51 0.41 -8.04
CA SER A 228 -30.76 0.22 -7.31
C SER A 228 -31.62 1.49 -7.27
N VAL A 229 -30.97 2.63 -7.10
CA VAL A 229 -31.61 3.92 -7.05
C VAL A 229 -32.25 4.27 -8.39
N ALA A 230 -31.48 4.15 -9.47
CA ALA A 230 -32.00 4.41 -10.80
C ALA A 230 -33.14 3.46 -11.16
N ARG A 231 -32.96 2.16 -10.84
CA ARG A 231 -34.00 1.18 -11.16
C ARG A 231 -35.33 1.54 -10.49
N ALA A 232 -35.26 1.89 -9.20
CA ALA A 232 -36.42 2.23 -8.37
C ALA A 232 -37.11 3.52 -8.80
N PHE A 233 -36.36 4.61 -8.97
CA PHE A 233 -36.96 5.84 -9.53
C PHE A 233 -37.60 5.60 -10.90
N ASP A 234 -37.02 4.69 -11.70
CA ASP A 234 -37.58 4.36 -12.99
C ASP A 234 -38.83 3.49 -12.86
N GLU A 235 -38.77 2.42 -12.07
CA GLU A 235 -39.93 1.55 -11.91
C GLU A 235 -41.07 2.20 -11.14
N LYS A 236 -40.76 2.98 -10.10
CA LYS A 236 -41.81 3.58 -9.25
C LYS A 236 -42.41 4.89 -9.78
N VAL A 237 -41.65 5.65 -10.57
CA VAL A 237 -42.11 6.97 -10.98
C VAL A 237 -42.06 7.07 -12.50
N GLY A 238 -40.94 6.67 -13.09
CA GLY A 238 -40.70 6.78 -14.54
C GLY A 238 -39.73 7.91 -14.78
N VAL A 239 -38.51 7.59 -15.19
CA VAL A 239 -37.44 8.55 -15.45
C VAL A 239 -37.31 8.68 -16.97
N THR A 240 -37.14 9.90 -17.51
CA THR A 240 -36.94 10.03 -18.94
C THR A 240 -35.51 10.37 -19.32
N GLY A 241 -34.72 10.81 -18.35
CA GLY A 241 -33.35 11.25 -18.60
C GLY A 241 -32.63 11.48 -17.28
N LEU A 242 -31.34 11.74 -17.38
CA LEU A 242 -30.48 11.90 -16.21
C LEU A 242 -29.65 13.18 -16.30
N VAL A 243 -29.30 13.73 -15.14
CA VAL A 243 -28.32 14.82 -15.03
C VAL A 243 -27.27 14.29 -14.06
N LEU A 244 -26.00 14.37 -14.48
CA LEU A 244 -24.87 13.96 -13.69
C LEU A 244 -24.25 15.24 -13.13
N THR A 245 -24.29 15.39 -11.80
CA THR A 245 -23.81 16.58 -11.16
C THR A 245 -22.43 16.39 -10.51
N LYS A 246 -21.80 17.52 -10.15
CA LYS A 246 -20.54 17.55 -9.37
C LYS A 246 -19.36 16.95 -10.13
N LEU A 247 -19.40 17.07 -11.45
CA LEU A 247 -18.32 16.56 -12.29
C LEU A 247 -17.11 17.48 -12.30
N ASP A 248 -17.21 18.60 -11.60
CA ASP A 248 -16.01 19.39 -11.32
C ASP A 248 -15.16 18.80 -10.18
N GLY A 249 -15.66 17.78 -9.53
CA GLY A 249 -14.86 17.00 -8.57
C GLY A 249 -13.96 16.01 -9.32
N ASP A 250 -13.38 15.05 -8.61
CA ASP A 250 -12.58 14.03 -9.28
C ASP A 250 -13.15 12.60 -9.23
N ALA A 251 -14.38 12.45 -8.73
CA ALA A 251 -15.04 11.14 -8.80
C ALA A 251 -15.04 10.73 -10.26
N ARG A 252 -14.82 9.45 -10.52
CA ARG A 252 -14.77 8.96 -11.91
C ARG A 252 -16.12 9.00 -12.64
N GLY A 253 -17.23 8.82 -11.92
CA GLY A 253 -18.56 8.98 -12.57
C GLY A 253 -19.20 7.70 -13.09
N GLY A 254 -18.68 6.56 -12.63
CA GLY A 254 -19.16 5.23 -13.04
C GLY A 254 -20.63 4.97 -12.71
N ALA A 255 -21.19 5.69 -11.74
CA ALA A 255 -22.64 5.63 -11.47
C ALA A 255 -23.50 5.95 -12.69
N ALA A 256 -22.97 6.77 -13.61
CA ALA A 256 -23.71 7.07 -14.84
C ALA A 256 -23.93 5.81 -15.71
N LEU A 257 -22.95 4.91 -15.71
CA LEU A 257 -23.07 3.69 -16.48
C LEU A 257 -24.10 2.75 -15.82
N SER A 258 -24.04 2.64 -14.50
CA SER A 258 -25.03 1.86 -13.77
C SER A 258 -26.44 2.37 -14.10
N ALA A 259 -26.63 3.68 -13.97
CA ALA A 259 -27.95 4.28 -14.15
C ALA A 259 -28.44 4.13 -15.60
N ARG A 260 -27.58 4.43 -16.56
CA ARG A 260 -27.99 4.27 -17.95
C ARG A 260 -28.24 2.80 -18.33
N HIS A 261 -27.43 1.88 -17.79
CA HIS A 261 -27.63 0.46 -18.08
C HIS A 261 -29.03 -0.03 -17.70
N VAL A 262 -29.49 0.33 -16.51
CA VAL A 262 -30.72 -0.23 -15.99
C VAL A 262 -31.95 0.54 -16.49
N THR A 263 -31.76 1.80 -16.90
CA THR A 263 -32.89 2.59 -17.42
C THR A 263 -32.95 2.72 -18.94
N GLY A 264 -31.79 2.68 -19.61
CA GLY A 264 -31.72 2.97 -21.05
C GLY A 264 -32.00 4.43 -21.41
N LYS A 265 -31.96 5.31 -20.43
CA LYS A 265 -32.35 6.70 -20.66
C LYS A 265 -31.12 7.57 -20.87
N PRO A 266 -31.27 8.66 -21.66
CA PRO A 266 -30.17 9.54 -21.99
C PRO A 266 -29.65 10.34 -20.78
N ILE A 267 -28.33 10.51 -20.71
CA ILE A 267 -27.74 11.44 -19.78
C ILE A 267 -27.64 12.72 -20.57
N TYR A 268 -28.52 13.67 -20.24
CA TYR A 268 -28.69 14.91 -20.98
C TYR A 268 -27.64 15.98 -20.69
N PHE A 269 -27.38 16.21 -19.41
CA PHE A 269 -26.59 17.34 -18.96
C PHE A 269 -25.55 16.93 -17.92
N ALA A 270 -24.50 17.74 -17.85
CA ALA A 270 -23.43 17.58 -16.89
C ALA A 270 -23.43 18.81 -16.03
N GLY A 271 -23.44 18.64 -14.71
CA GLY A 271 -23.24 19.79 -13.80
C GLY A 271 -21.74 19.93 -13.53
N VAL A 272 -21.19 21.11 -13.78
CA VAL A 272 -19.73 21.32 -13.73
C VAL A 272 -19.25 22.43 -12.80
N SER A 273 -20.16 23.09 -12.09
CA SER A 273 -19.85 23.99 -10.97
C SER A 273 -21.06 24.19 -10.09
N GLU A 274 -20.85 24.89 -8.97
CA GLU A 274 -21.93 25.24 -8.05
C GLU A 274 -22.73 26.47 -8.56
N LYS A 275 -22.29 27.05 -9.68
CA LYS A 275 -22.88 28.29 -10.21
C LYS A 275 -23.98 28.04 -11.22
N PRO A 276 -24.91 29.01 -11.38
CA PRO A 276 -25.99 28.88 -12.36
C PRO A 276 -25.51 28.55 -13.76
N GLU A 277 -24.30 28.99 -14.14
CA GLU A 277 -23.76 28.77 -15.49
C GLU A 277 -23.11 27.39 -15.64
N GLY A 278 -22.99 26.66 -14.55
CA GLY A 278 -22.24 25.39 -14.55
C GLY A 278 -23.01 24.22 -15.09
N LEU A 279 -23.57 24.39 -16.27
CA LEU A 279 -24.31 23.32 -16.92
C LEU A 279 -23.78 23.14 -18.32
N GLU A 280 -23.48 21.89 -18.71
CA GLU A 280 -23.06 21.58 -20.09
C GLU A 280 -23.84 20.40 -20.65
N PRO A 281 -23.95 20.30 -21.99
CA PRO A 281 -24.42 19.04 -22.54
C PRO A 281 -23.50 17.90 -22.11
N PHE A 282 -24.07 16.71 -21.90
CA PHE A 282 -23.25 15.53 -21.56
C PHE A 282 -22.65 14.91 -22.82
N TYR A 283 -21.37 14.55 -22.75
CA TYR A 283 -20.65 13.94 -23.88
C TYR A 283 -20.20 12.56 -23.45
N PRO A 284 -20.86 11.51 -23.97
CA PRO A 284 -20.51 10.13 -23.60
C PRO A 284 -19.04 9.78 -23.83
N GLU A 285 -18.45 10.30 -24.91
CA GLU A 285 -17.01 10.13 -25.14
C GLU A 285 -16.14 10.72 -24.03
N ARG A 286 -16.57 11.87 -23.49
N ARG A 286 -16.59 11.85 -23.47
CA ARG A 286 -15.83 12.54 -22.43
CA ARG A 286 -15.83 12.55 -22.45
C ARG A 286 -15.86 11.71 -21.15
C ARG A 286 -15.90 11.86 -21.08
N LEU A 287 -17.05 11.26 -20.76
CA LEU A 287 -17.17 10.43 -19.56
C LEU A 287 -16.43 9.08 -19.73
N ALA A 288 -16.56 8.45 -20.89
CA ALA A 288 -15.79 7.25 -21.24
C ALA A 288 -14.30 7.45 -20.94
N GLY A 289 -13.73 8.53 -21.44
CA GLY A 289 -12.34 8.86 -21.14
C GLY A 289 -12.08 9.08 -19.66
N ARG A 290 -13.00 9.73 -18.97
CA ARG A 290 -12.82 10.02 -17.54
C ARG A 290 -12.79 8.73 -16.70
N ILE A 291 -13.74 7.85 -16.96
CA ILE A 291 -13.80 6.54 -16.32
C ILE A 291 -12.51 5.71 -16.57
N LEU A 292 -12.02 5.72 -17.81
CA LEU A 292 -10.83 4.95 -18.22
C LEU A 292 -9.50 5.64 -17.88
N GLY A 293 -9.58 6.90 -17.44
CA GLY A 293 -8.38 7.62 -16.97
C GLY A 293 -7.53 8.19 -18.10
N MET A 294 -8.17 8.58 -19.19
N MET A 294 -8.16 8.54 -19.22
CA MET A 294 -7.53 9.42 -20.22
CA MET A 294 -7.45 8.93 -20.44
C MET A 294 -7.09 10.76 -19.61
C MET A 294 -6.90 10.37 -20.44
N GLN B 4 10.29 -8.07 28.31
CA GLN B 4 11.73 -8.23 27.96
C GLN B 4 12.06 -7.71 26.54
N LEU B 5 12.97 -6.75 26.48
CA LEU B 5 13.42 -6.15 25.23
C LEU B 5 14.92 -6.41 25.05
N SER B 6 15.52 -5.87 23.99
CA SER B 6 16.98 -5.79 23.85
C SER B 6 17.57 -5.06 25.06
N ALA B 7 18.83 -5.32 25.37
CA ALA B 7 19.48 -4.71 26.53
C ALA B 7 19.39 -3.19 26.49
N ARG B 8 19.59 -2.65 25.30
CA ARG B 8 19.54 -1.22 25.05
C ARG B 8 18.18 -0.62 25.43
N LEU B 9 17.10 -1.27 24.99
CA LEU B 9 15.76 -0.74 25.23
C LEU B 9 15.26 -1.04 26.62
N GLN B 10 15.66 -2.17 27.19
CA GLN B 10 15.37 -2.46 28.58
C GLN B 10 15.89 -1.34 29.43
N GLU B 11 17.09 -0.87 29.14
CA GLU B 11 17.65 0.18 29.96
C GLU B 11 16.91 1.50 29.72
N ALA B 12 16.70 1.85 28.45
CA ALA B 12 16.14 3.14 28.07
C ALA B 12 14.68 3.31 28.53
N ILE B 13 13.87 2.26 28.35
CA ILE B 13 12.46 2.30 28.76
C ILE B 13 12.30 2.00 30.24
N GLY B 14 13.01 0.98 30.72
CA GLY B 14 12.91 0.54 32.10
C GLY B 14 13.25 1.59 33.13
N ARG B 15 14.27 2.40 32.86
CA ARG B 15 14.65 3.50 33.76
C ARG B 15 13.57 4.59 33.90
N LEU B 16 12.51 4.52 33.09
CA LEU B 16 11.44 5.51 33.11
C LEU B 16 10.27 5.01 33.93
N ARG B 17 10.17 3.70 34.09
CA ARG B 17 9.03 3.09 34.78
C ARG B 17 8.91 3.50 36.24
N GLY B 18 7.70 3.84 36.67
CA GLY B 18 7.38 4.15 38.06
C GLY B 18 7.88 5.51 38.51
N ARG B 19 8.45 6.28 37.60
CA ARG B 19 9.17 7.47 38.02
C ARG B 19 8.48 8.76 37.64
N GLY B 20 7.20 8.65 37.27
CA GLY B 20 6.38 9.82 36.99
C GLY B 20 6.58 10.43 35.63
N ARG B 21 6.28 11.73 35.50
CA ARG B 21 6.30 12.40 34.19
C ARG B 21 7.71 12.58 33.64
N ILE B 22 7.84 12.55 32.32
CA ILE B 22 9.12 12.66 31.64
C ILE B 22 9.41 14.12 31.20
N THR B 23 10.64 14.58 31.41
CA THR B 23 11.10 15.87 30.88
C THR B 23 11.19 15.79 29.36
N GLU B 24 11.15 16.94 28.68
CA GLU B 24 11.33 16.90 27.23
C GLU B 24 12.76 16.52 26.87
N GLU B 25 13.71 16.76 27.79
CA GLU B 25 15.11 16.36 27.59
C GLU B 25 15.24 14.84 27.62
N ASP B 26 14.52 14.21 28.55
CA ASP B 26 14.56 12.76 28.69
C ASP B 26 13.79 12.06 27.55
N LEU B 27 12.71 12.69 27.07
CA LEU B 27 11.98 12.17 25.90
C LEU B 27 12.88 12.13 24.67
N LYS B 28 13.52 13.26 24.40
CA LYS B 28 14.51 13.36 23.33
C LYS B 28 15.61 12.30 23.46
N ALA B 29 16.18 12.17 24.66
CA ALA B 29 17.21 11.16 24.92
C ALA B 29 16.68 9.74 24.70
N THR B 30 15.43 9.50 25.10
CA THR B 30 14.82 8.18 24.93
C THR B 30 14.63 7.83 23.43
N LEU B 31 14.09 8.79 22.68
CA LEU B 31 13.94 8.63 21.22
C LEU B 31 15.26 8.38 20.49
N ARG B 32 16.33 9.03 20.97
N ARG B 32 16.32 9.03 20.96
CA ARG B 32 17.68 8.83 20.40
CA ARG B 32 17.67 8.83 20.38
C ARG B 32 18.19 7.40 20.60
C ARG B 32 18.18 7.40 20.59
N GLU B 33 17.93 6.85 21.78
CA GLU B 33 18.28 5.45 22.10
C GLU B 33 17.46 4.45 21.31
N ILE B 34 16.20 4.79 21.03
CA ILE B 34 15.38 3.99 20.12
C ILE B 34 15.99 3.97 18.72
N ARG B 35 16.44 5.13 18.24
N ARG B 35 16.47 5.14 18.26
CA ARG B 35 17.06 5.24 16.92
CA ARG B 35 17.19 5.25 16.99
C ARG B 35 18.33 4.40 16.86
C ARG B 35 18.39 4.32 16.96
N ARG B 36 19.05 4.33 17.98
N ARG B 36 19.16 4.33 18.04
CA ARG B 36 20.29 3.55 18.05
CA ARG B 36 20.37 3.51 18.13
C ARG B 36 20.00 2.06 18.11
C ARG B 36 20.03 2.03 18.14
N ALA B 37 18.93 1.68 18.82
CA ALA B 37 18.44 0.28 18.83
C ALA B 37 18.09 -0.18 17.42
N LEU B 38 17.41 0.68 16.66
CA LEU B 38 17.01 0.35 15.28
C LEU B 38 18.24 0.18 14.43
N MET B 39 19.23 1.07 14.61
CA MET B 39 20.53 0.95 13.93
C MET B 39 21.29 -0.33 14.26
N ASP B 40 21.35 -0.68 15.56
CA ASP B 40 21.91 -1.95 16.01
C ASP B 40 21.24 -3.14 15.33
N ALA B 41 19.98 -2.97 14.94
CA ALA B 41 19.18 -4.03 14.28
C ALA B 41 19.31 -3.99 12.76
N ASP B 42 20.14 -3.09 12.24
N ASP B 42 20.20 -3.12 12.28
CA ASP B 42 20.40 -2.99 10.80
CA ASP B 42 20.44 -2.82 10.86
C ASP B 42 19.30 -2.26 9.99
C ASP B 42 19.25 -2.34 10.03
N VAL B 43 18.43 -1.51 10.66
CA VAL B 43 17.48 -0.65 9.96
C VAL B 43 18.35 0.49 9.41
N ASN B 44 18.13 0.87 8.15
CA ASN B 44 18.88 1.97 7.55
C ASN B 44 18.77 3.24 8.40
N LEU B 45 19.87 4.00 8.49
CA LEU B 45 19.93 5.17 9.38
C LEU B 45 18.89 6.26 9.08
N GLU B 46 18.58 6.49 7.80
CA GLU B 46 17.57 7.49 7.44
C GLU B 46 16.16 6.98 7.70
N VAL B 47 15.94 5.70 7.44
CA VAL B 47 14.66 5.08 7.76
C VAL B 47 14.45 5.13 9.28
N ALA B 48 15.51 4.84 10.06
CA ALA B 48 15.42 4.90 11.53
C ALA B 48 15.15 6.31 12.05
N ARG B 49 15.79 7.32 11.46
CA ARG B 49 15.50 8.72 11.83
C ARG B 49 14.06 9.08 11.50
N ASP B 50 13.61 8.72 10.30
CA ASP B 50 12.19 8.89 9.91
C ASP B 50 11.23 8.24 10.89
N PHE B 51 11.47 6.97 11.22
CA PHE B 51 10.59 6.21 12.10
C PHE B 51 10.46 6.90 13.48
N VAL B 52 11.59 7.23 14.08
CA VAL B 52 11.63 7.90 15.38
C VAL B 52 10.98 9.29 15.34
N GLU B 53 11.07 10.00 14.22
CA GLU B 53 10.31 11.26 14.07
C GLU B 53 8.80 10.97 14.15
N ARG B 54 8.35 9.92 13.46
N ARG B 54 8.36 9.92 13.46
CA ARG B 54 6.97 9.48 13.50
CA ARG B 54 6.97 9.47 13.50
C ARG B 54 6.55 9.10 14.94
C ARG B 54 6.55 9.06 14.92
N VAL B 55 7.41 8.35 15.63
CA VAL B 55 7.14 7.96 17.02
C VAL B 55 7.00 9.20 17.93
N ARG B 56 7.89 10.19 17.77
CA ARG B 56 7.82 11.41 18.57
C ARG B 56 6.48 12.10 18.39
N GLU B 57 6.03 12.20 17.14
CA GLU B 57 4.76 12.83 16.84
C GLU B 57 3.57 12.09 17.43
N GLU B 58 3.51 10.76 17.27
CA GLU B 58 2.40 9.99 17.85
C GLU B 58 2.43 10.04 19.40
N ALA B 59 3.60 9.99 20.00
CA ALA B 59 3.72 10.07 21.47
C ALA B 59 3.20 11.43 21.99
N LEU B 60 3.61 12.51 21.33
CA LEU B 60 3.15 13.84 21.71
C LEU B 60 1.63 13.95 21.57
N GLY B 61 1.07 13.40 20.50
CA GLY B 61 -0.39 13.33 20.36
C GLY B 61 -1.07 12.49 21.42
N LYS B 62 -0.32 11.60 22.06
CA LYS B 62 -0.86 10.78 23.15
C LYS B 62 -0.63 11.44 24.50
N GLN B 63 -0.32 12.73 24.47
CA GLN B 63 0.03 13.53 25.66
C GLN B 63 1.10 12.86 26.53
N VAL B 64 2.13 12.32 25.87
CA VAL B 64 3.23 11.65 26.58
C VAL B 64 3.92 12.56 27.62
N LEU B 65 3.95 13.86 27.36
CA LEU B 65 4.60 14.78 28.32
C LEU B 65 3.77 15.09 29.56
N GLU B 66 2.47 14.80 29.50
CA GLU B 66 1.57 14.95 30.65
C GLU B 66 1.35 13.63 31.39
N SER B 67 1.70 12.53 30.73
CA SER B 67 1.44 11.19 31.25
C SER B 67 2.35 10.83 32.44
N LEU B 68 1.77 10.16 33.43
CA LEU B 68 2.52 9.63 34.58
C LEU B 68 3.11 8.25 34.24
N THR B 69 2.69 7.67 33.11
CA THR B 69 3.25 6.42 32.64
C THR B 69 3.93 6.55 31.27
N PRO B 70 4.95 7.44 31.14
CA PRO B 70 5.52 7.63 29.82
C PRO B 70 6.18 6.38 29.23
N ALA B 71 6.73 5.52 30.09
CA ALA B 71 7.33 4.26 29.64
C ALA B 71 6.31 3.43 28.85
N GLU B 72 5.09 3.36 29.37
CA GLU B 72 3.96 2.65 28.73
C GLU B 72 3.57 3.25 27.39
N VAL B 73 3.44 4.57 27.36
CA VAL B 73 3.08 5.29 26.15
C VAL B 73 4.17 5.10 25.06
N ILE B 74 5.43 5.27 25.42
CA ILE B 74 6.52 5.17 24.47
C ILE B 74 6.64 3.73 23.91
N LEU B 75 6.73 2.73 24.78
CA LEU B 75 6.84 1.35 24.29
C LEU B 75 5.66 0.98 23.35
N ALA B 76 4.43 1.21 23.79
CA ALA B 76 3.25 0.93 22.99
C ALA B 76 3.32 1.62 21.65
N THR B 77 3.67 2.91 21.65
CA THR B 77 3.81 3.69 20.40
C THR B 77 4.84 3.09 19.48
N VAL B 78 5.98 2.68 20.02
CA VAL B 78 7.06 2.14 19.22
C VAL B 78 6.66 0.79 18.64
N TYR B 79 6.13 -0.07 19.48
CA TYR B 79 5.80 -1.41 19.03
C TYR B 79 4.70 -1.39 17.93
N GLU B 80 3.58 -0.73 18.23
CA GLU B 80 2.51 -0.50 17.27
C GLU B 80 2.97 0.11 15.94
N ALA B 81 3.78 1.16 16.00
CA ALA B 81 4.27 1.76 14.76
C ALA B 81 5.21 0.83 13.99
N LEU B 82 6.02 0.04 14.70
CA LEU B 82 6.93 -0.89 13.99
C LEU B 82 6.15 -2.01 13.27
N LYS B 83 5.18 -2.60 13.98
CA LYS B 83 4.29 -3.60 13.37
C LYS B 83 3.62 -2.99 12.13
N GLU B 84 3.03 -1.79 12.25
CA GLU B 84 2.36 -1.14 11.12
C GLU B 84 3.33 -0.87 9.95
N ALA B 85 4.52 -0.39 10.26
CA ALA B 85 5.55 -0.15 9.25
C ALA B 85 6.00 -1.43 8.53
N LEU B 86 6.01 -2.56 9.25
CA LEU B 86 6.36 -3.85 8.64
C LEU B 86 5.21 -4.55 7.90
N GLY B 87 4.01 -3.99 7.99
CA GLY B 87 2.91 -4.43 7.13
C GLY B 87 1.62 -4.72 7.89
N GLY B 88 1.67 -4.66 9.21
CA GLY B 88 0.48 -4.83 10.06
C GLY B 88 0.11 -6.29 10.31
N GLU B 89 -0.42 -6.94 9.27
CA GLU B 89 -0.79 -8.37 9.39
C GLU B 89 -0.19 -9.17 8.25
N ALA B 90 -0.11 -10.49 8.44
CA ALA B 90 0.33 -11.38 7.37
C ALA B 90 -0.68 -11.40 6.21
N ARG B 91 -0.15 -11.50 5.00
CA ARG B 91 -0.92 -11.49 3.77
C ARG B 91 -0.13 -12.31 2.79
N LEU B 92 -0.81 -13.15 2.02
CA LEU B 92 -0.11 -13.84 0.96
C LEU B 92 -0.51 -13.27 -0.41
N PRO B 93 0.28 -13.55 -1.47
CA PRO B 93 -0.08 -13.03 -2.80
C PRO B 93 -1.47 -13.49 -3.24
N VAL B 94 -2.13 -12.69 -4.08
CA VAL B 94 -3.42 -13.07 -4.61
C VAL B 94 -3.25 -14.08 -5.76
N LEU B 95 -3.80 -15.27 -5.61
CA LEU B 95 -3.75 -16.23 -6.73
C LEU B 95 -4.90 -16.06 -7.74
N LYS B 96 -4.58 -16.25 -9.02
CA LYS B 96 -5.53 -16.16 -10.12
C LYS B 96 -5.50 -17.48 -10.91
N ASP B 97 -6.13 -17.51 -12.07
CA ASP B 97 -6.10 -18.72 -12.89
C ASP B 97 -4.70 -19.09 -13.39
N ARG B 98 -3.89 -18.08 -13.70
CA ARG B 98 -2.47 -18.29 -13.94
C ARG B 98 -1.61 -17.20 -13.30
N ASN B 99 -0.54 -17.64 -12.63
CA ASN B 99 0.39 -16.74 -11.97
C ASN B 99 1.81 -17.00 -12.40
N LEU B 100 2.54 -15.94 -12.73
CA LEU B 100 3.94 -16.07 -13.07
C LEU B 100 4.72 -15.12 -12.20
N TRP B 101 5.58 -15.66 -11.32
CA TRP B 101 6.37 -14.83 -10.41
C TRP B 101 7.87 -14.89 -10.72
N PHE B 102 8.56 -13.76 -10.55
CA PHE B 102 10.01 -13.71 -10.62
C PHE B 102 10.58 -13.72 -9.21
N LEU B 103 11.71 -14.42 -9.02
CA LEU B 103 12.52 -14.25 -7.80
C LEU B 103 13.80 -13.54 -8.19
N VAL B 104 14.00 -12.35 -7.61
CA VAL B 104 15.13 -11.50 -7.98
C VAL B 104 15.88 -11.05 -6.75
N GLY B 105 17.12 -10.62 -6.90
CA GLY B 105 17.87 -10.07 -5.78
C GLY B 105 19.35 -10.31 -5.90
N LEU B 106 20.07 -10.03 -4.81
CA LEU B 106 21.54 -10.06 -4.79
C LEU B 106 22.06 -11.48 -4.82
N GLN B 107 23.31 -11.63 -5.24
CA GLN B 107 23.96 -12.96 -5.26
C GLN B 107 23.89 -13.64 -3.89
N GLY B 108 23.31 -14.84 -3.83
CA GLY B 108 23.32 -15.65 -2.61
C GLY B 108 22.24 -15.36 -1.58
N SER B 109 21.27 -14.50 -1.91
CA SER B 109 20.22 -14.14 -0.97
C SER B 109 19.28 -15.30 -0.64
N GLY B 110 19.23 -16.30 -1.52
CA GLY B 110 18.35 -17.46 -1.28
C GLY B 110 17.25 -17.67 -2.30
N LYS B 111 17.39 -17.08 -3.50
CA LYS B 111 16.37 -17.13 -4.55
C LYS B 111 16.02 -18.54 -5.03
N THR B 112 17.03 -19.31 -5.43
CA THR B 112 16.83 -20.68 -5.97
C THR B 112 16.12 -21.56 -4.94
N THR B 113 16.59 -21.46 -3.70
CA THR B 113 15.99 -22.21 -2.58
C THR B 113 14.55 -21.80 -2.34
N THR B 114 14.31 -20.49 -2.39
CA THR B 114 12.97 -19.94 -2.14
C THR B 114 11.99 -20.35 -3.21
N ALA B 115 12.44 -20.41 -4.47
CA ALA B 115 11.61 -20.86 -5.58
C ALA B 115 11.04 -22.26 -5.28
N ALA B 116 11.90 -23.21 -4.88
CA ALA B 116 11.46 -24.57 -4.54
C ALA B 116 10.56 -24.63 -3.27
N LYS B 117 10.82 -23.76 -2.30
CA LYS B 117 9.96 -23.65 -1.12
C LYS B 117 8.55 -23.22 -1.51
N LEU B 118 8.45 -22.18 -2.36
CA LEU B 118 7.15 -21.73 -2.86
C LEU B 118 6.46 -22.86 -3.61
N ALA B 119 7.20 -23.56 -4.48
CA ALA B 119 6.60 -24.70 -5.19
C ALA B 119 5.91 -25.70 -4.25
N LEU B 120 6.62 -26.13 -3.21
CA LEU B 120 6.10 -27.11 -2.25
C LEU B 120 4.94 -26.55 -1.43
N TYR B 121 5.08 -25.30 -0.98
CA TYR B 121 4.04 -24.63 -0.20
C TYR B 121 2.72 -24.58 -0.98
N TYR B 122 2.78 -24.17 -2.24
CA TYR B 122 1.56 -24.06 -3.05
C TYR B 122 1.08 -25.38 -3.66
N LYS B 123 1.99 -26.33 -3.84
CA LYS B 123 1.59 -27.70 -4.19
C LYS B 123 0.67 -28.27 -3.13
N GLY B 124 1.04 -28.12 -1.87
CA GLY B 124 0.23 -28.59 -0.74
C GLY B 124 -1.09 -27.85 -0.55
N LYS B 125 -1.23 -26.72 -1.24
CA LYS B 125 -2.46 -25.91 -1.23
C LYS B 125 -3.30 -26.12 -2.48
N GLY B 126 -2.94 -27.11 -3.30
CA GLY B 126 -3.76 -27.45 -4.45
C GLY B 126 -3.31 -26.91 -5.80
N ARG B 127 -2.30 -26.03 -5.83
CA ARG B 127 -1.80 -25.50 -7.11
C ARG B 127 -0.91 -26.52 -7.83
N ARG B 128 -0.71 -26.32 -9.12
CA ARG B 128 0.20 -27.13 -9.91
C ARG B 128 1.38 -26.25 -10.38
N PRO B 129 2.43 -26.12 -9.55
CA PRO B 129 3.57 -25.29 -9.88
C PRO B 129 4.48 -25.82 -11.00
N LEU B 130 5.15 -24.89 -11.67
CA LEU B 130 6.22 -25.14 -12.63
C LEU B 130 7.40 -24.29 -12.16
N LEU B 131 8.58 -24.90 -12.06
CA LEU B 131 9.78 -24.16 -11.75
C LEU B 131 10.51 -23.84 -13.02
N VAL B 132 11.07 -22.63 -13.12
CA VAL B 132 11.85 -22.25 -14.29
C VAL B 132 13.25 -21.83 -13.87
N ALA B 133 14.25 -22.57 -14.36
CA ALA B 133 15.65 -22.32 -14.04
C ALA B 133 16.22 -21.40 -15.09
N ALA B 134 16.20 -20.10 -14.80
CA ALA B 134 16.54 -19.08 -15.78
C ALA B 134 17.92 -18.45 -15.56
N ASP B 135 18.69 -18.98 -14.59
CA ASP B 135 20.07 -18.57 -14.31
C ASP B 135 21.01 -19.46 -15.13
N THR B 136 21.58 -18.90 -16.18
CA THR B 136 22.50 -19.62 -17.08
C THR B 136 23.94 -19.17 -16.86
N GLN B 137 24.21 -18.40 -15.80
CA GLN B 137 25.56 -17.94 -15.52
C GLN B 137 26.29 -18.62 -14.35
N ARG B 138 25.59 -18.89 -13.26
CA ARG B 138 26.23 -19.55 -12.12
C ARG B 138 26.42 -21.06 -12.44
N PRO B 139 27.60 -21.62 -12.17
CA PRO B 139 27.86 -23.05 -12.45
C PRO B 139 26.91 -23.97 -11.70
N ALA B 140 26.34 -24.92 -12.44
CA ALA B 140 25.35 -25.89 -11.95
C ALA B 140 24.06 -25.31 -11.32
N ALA B 141 23.71 -24.06 -11.66
CA ALA B 141 22.45 -23.48 -11.16
C ALA B 141 21.21 -24.21 -11.67
N ARG B 142 21.23 -24.66 -12.93
CA ARG B 142 20.05 -25.35 -13.47
C ARG B 142 19.89 -26.73 -12.82
N GLU B 143 21.01 -27.45 -12.66
CA GLU B 143 21.04 -28.70 -11.89
C GLU B 143 20.61 -28.52 -10.41
N GLN B 144 21.01 -27.42 -9.79
CA GLN B 144 20.58 -27.16 -8.43
C GLN B 144 19.05 -27.11 -8.35
N LEU B 145 18.43 -26.37 -9.26
CA LEU B 145 16.97 -26.23 -9.18
C LEU B 145 16.28 -27.55 -9.61
N ARG B 146 16.86 -28.20 -10.61
CA ARG B 146 16.39 -29.51 -11.05
C ARG B 146 16.28 -30.48 -9.88
N LEU B 147 17.34 -30.54 -9.08
CA LEU B 147 17.39 -31.44 -7.91
C LEU B 147 16.41 -31.04 -6.81
N LEU B 148 16.26 -29.73 -6.59
CA LEU B 148 15.22 -29.24 -5.66
C LEU B 148 13.82 -29.57 -6.13
N GLY B 149 13.57 -29.42 -7.42
CA GLY B 149 12.29 -29.79 -8.02
C GLY B 149 11.99 -31.26 -7.82
N GLU B 150 13.02 -32.10 -7.99
CA GLU B 150 12.88 -33.55 -7.76
C GLU B 150 12.46 -33.86 -6.33
N LYS B 151 13.15 -33.26 -5.38
CA LYS B 151 12.83 -33.34 -3.97
C LYS B 151 11.37 -32.96 -3.63
N VAL B 152 10.84 -31.88 -4.21
CA VAL B 152 9.47 -31.45 -3.90
C VAL B 152 8.38 -32.01 -4.85
N GLY B 153 8.79 -32.68 -5.92
CA GLY B 153 7.86 -33.27 -6.89
C GLY B 153 7.22 -32.25 -7.82
N VAL B 154 8.01 -31.28 -8.25
CA VAL B 154 7.55 -30.25 -9.17
C VAL B 154 8.54 -30.25 -10.34
N PRO B 155 8.05 -30.27 -11.60
CA PRO B 155 8.92 -30.24 -12.76
C PRO B 155 9.68 -28.91 -12.91
N VAL B 156 10.85 -28.96 -13.52
CA VAL B 156 11.69 -27.77 -13.69
C VAL B 156 11.98 -27.59 -15.17
N LEU B 157 11.60 -26.44 -15.72
CA LEU B 157 12.03 -26.08 -17.05
C LEU B 157 13.36 -25.37 -17.00
N GLU B 158 14.31 -25.84 -17.81
CA GLU B 158 15.69 -25.33 -17.75
C GLU B 158 15.95 -24.53 -18.99
N VAL B 159 16.27 -23.25 -18.82
CA VAL B 159 16.62 -22.36 -19.91
C VAL B 159 17.91 -22.87 -20.55
N MET B 160 18.03 -22.72 -21.87
CA MET B 160 19.18 -23.22 -22.58
C MET B 160 20.20 -22.10 -22.72
N ASP B 161 21.48 -22.45 -22.83
CA ASP B 161 22.51 -21.46 -23.15
C ASP B 161 22.12 -20.74 -24.43
N GLY B 162 22.16 -19.41 -24.38
CA GLY B 162 21.93 -18.57 -25.56
C GLY B 162 20.47 -18.31 -25.91
N GLU B 163 19.54 -18.83 -25.12
CA GLU B 163 18.11 -18.78 -25.45
C GLU B 163 17.48 -17.40 -25.21
N SER B 164 16.78 -16.86 -26.23
CA SER B 164 16.16 -15.53 -26.15
C SER B 164 15.01 -15.52 -25.15
N PRO B 165 14.67 -14.34 -24.58
CA PRO B 165 13.51 -14.30 -23.70
C PRO B 165 12.19 -14.73 -24.39
N GLU B 166 12.08 -14.42 -25.68
N GLU B 166 12.03 -14.41 -25.68
CA GLU B 166 10.90 -14.79 -26.47
CA GLU B 166 10.80 -14.85 -26.38
C GLU B 166 10.75 -16.31 -26.54
C GLU B 166 10.73 -16.37 -26.48
N SER B 167 11.87 -17.01 -26.72
CA SER B 167 11.90 -18.47 -26.77
C SER B 167 11.54 -19.02 -25.40
N ILE B 168 12.11 -18.41 -24.35
CA ILE B 168 11.84 -18.85 -22.97
C ILE B 168 10.36 -18.72 -22.70
N ARG B 169 9.81 -17.57 -23.06
CA ARG B 169 8.37 -17.30 -22.91
C ARG B 169 7.48 -18.38 -23.52
N ARG B 170 7.77 -18.76 -24.75
CA ARG B 170 6.89 -19.69 -25.45
C ARG B 170 7.01 -21.12 -24.91
N ARG B 171 8.22 -21.52 -24.49
CA ARG B 171 8.42 -22.83 -23.87
C ARG B 171 7.73 -22.95 -22.54
N VAL B 172 7.79 -21.88 -21.75
CA VAL B 172 7.07 -21.80 -20.48
C VAL B 172 5.56 -21.93 -20.70
N GLU B 173 5.00 -21.11 -21.59
CA GLU B 173 3.57 -21.17 -21.95
C GLU B 173 3.20 -22.57 -22.45
N GLU B 174 4.02 -23.10 -23.36
CA GLU B 174 3.77 -24.43 -23.92
C GLU B 174 3.72 -25.50 -22.80
N LYS B 175 4.77 -25.54 -21.95
CA LYS B 175 4.82 -26.48 -20.85
C LYS B 175 3.67 -26.30 -19.86
N ALA B 176 3.37 -25.06 -19.49
CA ALA B 176 2.26 -24.77 -18.57
C ALA B 176 0.93 -25.28 -19.11
N ARG B 177 0.69 -25.06 -20.41
CA ARG B 177 -0.52 -25.56 -21.07
C ARG B 177 -0.48 -27.09 -21.17
N LEU B 178 0.62 -27.63 -21.71
CA LEU B 178 0.79 -29.09 -21.83
C LEU B 178 0.48 -29.85 -20.54
N GLU B 179 0.97 -29.34 -19.40
CA GLU B 179 0.87 -30.03 -18.12
C GLU B 179 -0.15 -29.42 -17.14
N ALA B 180 -0.99 -28.50 -17.61
CA ALA B 180 -1.99 -27.81 -16.75
C ALA B 180 -1.39 -27.22 -15.47
N ARG B 181 -0.31 -26.46 -15.64
CA ARG B 181 0.38 -25.83 -14.51
C ARG B 181 0.01 -24.34 -14.38
N ASP B 182 -0.31 -23.92 -13.17
CA ASP B 182 -0.96 -22.63 -12.97
C ASP B 182 -0.13 -21.63 -12.15
N LEU B 183 1.00 -22.09 -11.59
CA LEU B 183 1.91 -21.23 -10.84
C LEU B 183 3.33 -21.42 -11.32
N ILE B 184 3.84 -20.40 -12.00
CA ILE B 184 5.11 -20.47 -12.65
C ILE B 184 6.08 -19.60 -11.89
N LEU B 185 7.15 -20.22 -11.42
CA LEU B 185 8.13 -19.57 -10.56
C LEU B 185 9.46 -19.48 -11.26
N VAL B 186 9.83 -18.26 -11.60
CA VAL B 186 11.04 -18.03 -12.38
C VAL B 186 12.20 -17.58 -11.49
N ASP B 187 13.20 -18.45 -11.42
CA ASP B 187 14.37 -18.23 -10.58
C ASP B 187 15.41 -17.50 -11.41
N THR B 188 15.80 -16.29 -11.03
CA THR B 188 16.78 -15.53 -11.85
C THR B 188 18.16 -15.49 -11.19
N ALA B 189 19.20 -15.20 -11.99
CA ALA B 189 20.57 -15.09 -11.49
C ALA B 189 20.67 -13.96 -10.45
N GLY B 190 21.55 -14.11 -9.46
CA GLY B 190 21.91 -13.03 -8.53
C GLY B 190 22.66 -11.95 -9.30
N ARG B 191 22.42 -10.69 -8.94
CA ARG B 191 23.07 -9.58 -9.68
C ARG B 191 23.18 -8.37 -8.77
N LEU B 192 24.20 -7.54 -8.96
CA LEU B 192 24.27 -6.27 -8.21
C LEU B 192 23.25 -5.29 -8.75
N GLN B 193 22.69 -4.46 -7.88
CA GLN B 193 21.69 -3.50 -8.32
C GLN B 193 22.30 -2.39 -9.22
N ILE B 194 23.63 -2.33 -9.27
CA ILE B 194 24.38 -1.34 -10.04
C ILE B 194 25.02 -1.94 -11.31
N ASP B 195 24.79 -3.23 -11.57
CA ASP B 195 25.33 -3.87 -12.78
C ASP B 195 24.35 -3.57 -13.89
N GLU B 196 24.59 -2.51 -14.65
CA GLU B 196 23.60 -2.04 -15.64
C GLU B 196 23.26 -3.05 -16.74
N PRO B 197 24.27 -3.71 -17.37
CA PRO B 197 23.95 -4.78 -18.32
C PRO B 197 23.05 -5.88 -17.75
N LEU B 198 23.30 -6.31 -16.51
CA LEU B 198 22.46 -7.38 -15.95
C LEU B 198 21.12 -6.91 -15.41
N MET B 199 21.07 -5.66 -14.94
CA MET B 199 19.79 -5.04 -14.57
C MET B 199 18.88 -4.87 -15.80
N GLY B 200 19.49 -4.52 -16.94
CA GLY B 200 18.79 -4.37 -18.22
C GLY B 200 18.29 -5.71 -18.74
N GLU B 201 19.15 -6.72 -18.69
CA GLU B 201 18.77 -8.10 -19.01
C GLU B 201 17.56 -8.56 -18.21
N LEU B 202 17.55 -8.32 -16.90
CA LEU B 202 16.43 -8.73 -16.07
C LEU B 202 15.14 -7.97 -16.42
N ALA B 203 15.28 -6.67 -16.67
CA ALA B 203 14.16 -5.85 -17.07
C ALA B 203 13.62 -6.32 -18.42
N ARG B 204 14.50 -6.71 -19.33
CA ARG B 204 14.04 -7.21 -20.65
C ARG B 204 13.30 -8.52 -20.49
N LEU B 205 13.77 -9.39 -19.58
CA LEU B 205 13.07 -10.64 -19.27
C LEU B 205 11.66 -10.40 -18.70
N LYS B 206 11.56 -9.41 -17.81
CA LYS B 206 10.26 -9.06 -17.25
C LYS B 206 9.30 -8.56 -18.33
N GLU B 207 9.79 -7.75 -19.26
CA GLU B 207 8.95 -7.22 -20.34
C GLU B 207 8.35 -8.35 -21.19
N VAL B 208 9.17 -9.37 -21.48
CA VAL B 208 8.73 -10.47 -22.36
C VAL B 208 7.84 -11.48 -21.63
N LEU B 209 8.23 -11.90 -20.44
CA LEU B 209 7.44 -12.90 -19.70
C LEU B 209 6.24 -12.32 -18.97
N GLY B 210 6.30 -11.02 -18.66
CA GLY B 210 5.19 -10.34 -18.00
C GLY B 210 4.74 -10.97 -16.70
N PRO B 211 5.63 -11.08 -15.70
CA PRO B 211 5.19 -11.68 -14.44
C PRO B 211 4.20 -10.79 -13.71
N ASP B 212 3.31 -11.40 -12.95
CA ASP B 212 2.42 -10.64 -12.09
C ASP B 212 2.94 -10.36 -10.67
N GLU B 213 4.03 -11.01 -10.28
CA GLU B 213 4.72 -10.67 -9.04
C GLU B 213 6.20 -10.68 -9.33
N VAL B 214 6.92 -9.72 -8.74
CA VAL B 214 8.38 -9.71 -8.79
C VAL B 214 8.83 -9.62 -7.35
N LEU B 215 9.34 -10.72 -6.84
CA LEU B 215 9.65 -10.81 -5.43
C LEU B 215 11.14 -10.56 -5.27
N LEU B 216 11.45 -9.51 -4.55
CA LEU B 216 12.81 -9.31 -4.10
C LEU B 216 13.12 -10.22 -2.87
N VAL B 217 14.09 -11.11 -3.04
CA VAL B 217 14.50 -12.02 -1.99
C VAL B 217 15.66 -11.34 -1.22
N LEU B 218 15.40 -11.01 0.03
CA LEU B 218 16.32 -10.29 0.88
C LEU B 218 16.80 -11.19 2.03
N ASP B 219 18.11 -11.31 2.18
CA ASP B 219 18.73 -12.06 3.24
C ASP B 219 18.55 -11.24 4.54
N ALA B 220 18.12 -11.90 5.61
CA ALA B 220 17.89 -11.17 6.88
C ALA B 220 19.14 -10.50 7.49
N MET B 221 20.34 -10.96 7.13
CA MET B 221 21.60 -10.39 7.64
C MET B 221 22.09 -9.16 6.89
N THR B 222 21.37 -8.80 5.82
CA THR B 222 21.71 -7.66 4.98
C THR B 222 21.84 -6.38 5.82
N GLY B 223 22.87 -5.59 5.56
CA GLY B 223 23.16 -4.41 6.36
C GLY B 223 22.51 -3.16 5.77
N GLN B 224 23.21 -2.04 5.91
CA GLN B 224 22.72 -0.69 5.60
C GLN B 224 22.33 -0.48 4.16
N GLU B 225 22.97 -1.23 3.26
CA GLU B 225 22.71 -1.12 1.82
C GLU B 225 21.35 -1.70 1.39
N ALA B 226 20.61 -2.29 2.31
CA ALA B 226 19.29 -2.82 1.97
C ALA B 226 18.39 -1.78 1.28
N LEU B 227 18.42 -0.54 1.78
CA LEU B 227 17.62 0.56 1.22
C LEU B 227 17.95 0.86 -0.25
N SER B 228 19.23 0.99 -0.55
CA SER B 228 19.69 1.25 -1.92
C SER B 228 19.42 0.10 -2.88
N VAL B 229 19.50 -1.11 -2.37
CA VAL B 229 19.29 -2.30 -3.18
C VAL B 229 17.81 -2.42 -3.55
N ALA B 230 16.94 -2.27 -2.55
CA ALA B 230 15.50 -2.37 -2.74
C ALA B 230 14.99 -1.28 -3.67
N ARG B 231 15.52 -0.07 -3.49
CA ARG B 231 15.13 1.04 -4.38
C ARG B 231 15.53 0.78 -5.84
N ALA B 232 16.77 0.34 -6.07
CA ALA B 232 17.27 0.10 -7.42
C ALA B 232 16.52 -1.00 -8.15
N PHE B 233 16.30 -2.14 -7.49
CA PHE B 233 15.50 -3.21 -8.08
C PHE B 233 14.08 -2.72 -8.42
N ASP B 234 13.50 -1.96 -7.49
CA ASP B 234 12.17 -1.40 -7.67
C ASP B 234 12.08 -0.41 -8.84
N GLU B 235 13.04 0.50 -8.92
CA GLU B 235 13.07 1.48 -10.00
C GLU B 235 13.40 0.89 -11.38
N LYS B 236 14.37 -0.03 -11.43
CA LYS B 236 14.88 -0.55 -12.69
C LYS B 236 14.04 -1.71 -13.26
N VAL B 237 13.37 -2.44 -12.37
CA VAL B 237 12.62 -3.64 -12.76
C VAL B 237 11.17 -3.62 -12.27
N GLY B 238 10.97 -3.20 -11.03
CA GLY B 238 9.60 -3.13 -10.45
C GLY B 238 9.28 -4.28 -9.52
N VAL B 239 9.46 -4.06 -8.22
CA VAL B 239 9.24 -5.07 -7.21
C VAL B 239 7.79 -4.98 -6.71
N THR B 240 7.14 -6.12 -6.46
CA THR B 240 5.75 -6.15 -5.99
C THR B 240 5.63 -6.73 -4.58
N GLY B 241 6.70 -7.35 -4.10
CA GLY B 241 6.70 -7.97 -2.80
C GLY B 241 8.09 -8.42 -2.39
N LEU B 242 8.21 -8.89 -1.15
CA LEU B 242 9.52 -9.30 -0.63
C LEU B 242 9.46 -10.65 0.03
N VAL B 243 10.59 -11.33 0.02
CA VAL B 243 10.77 -12.52 0.83
C VAL B 243 12.01 -12.31 1.68
N LEU B 244 11.86 -12.53 2.99
CA LEU B 244 12.95 -12.38 3.97
C LEU B 244 13.50 -13.75 4.32
N THR B 245 14.74 -14.01 3.96
CA THR B 245 15.31 -15.33 4.20
C THR B 245 16.32 -15.42 5.35
N LYS B 246 16.61 -16.66 5.74
CA LYS B 246 17.58 -17.00 6.78
C LYS B 246 17.21 -16.42 8.14
N LEU B 247 15.91 -16.35 8.41
CA LEU B 247 15.43 -15.86 9.70
C LEU B 247 15.65 -16.87 10.83
N ASP B 248 16.11 -18.08 10.48
CA ASP B 248 16.59 -19.05 11.47
C ASP B 248 17.97 -18.73 12.05
N GLY B 249 18.68 -17.74 11.49
CA GLY B 249 19.88 -17.21 12.14
C GLY B 249 19.51 -16.21 13.22
N ASP B 250 20.48 -15.43 13.72
CA ASP B 250 20.17 -14.45 14.78
C ASP B 250 20.29 -13.00 14.33
N ALA B 251 20.46 -12.77 13.04
CA ALA B 251 20.37 -11.41 12.52
C ALA B 251 19.01 -10.82 12.90
N ARG B 252 18.98 -9.57 13.33
CA ARG B 252 17.72 -8.94 13.78
C ARG B 252 16.71 -8.68 12.65
N GLY B 253 17.20 -8.51 11.43
CA GLY B 253 16.31 -8.36 10.27
C GLY B 253 15.84 -6.93 9.93
N GLY B 254 16.49 -5.92 10.50
CA GLY B 254 16.12 -4.53 10.22
C GLY B 254 16.08 -4.16 8.74
N ALA B 255 16.88 -4.85 7.93
CA ALA B 255 16.88 -4.70 6.45
C ALA B 255 15.48 -4.75 5.85
N ALA B 256 14.59 -5.52 6.48
CA ALA B 256 13.20 -5.65 6.03
C ALA B 256 12.46 -4.31 6.06
N LEU B 257 12.62 -3.58 7.16
CA LEU B 257 12.03 -2.25 7.32
C LEU B 257 12.56 -1.28 6.27
N SER B 258 13.87 -1.28 6.07
CA SER B 258 14.50 -0.46 5.03
C SER B 258 13.83 -0.70 3.67
N ALA B 259 13.78 -1.96 3.26
CA ALA B 259 13.18 -2.38 1.99
C ALA B 259 11.69 -2.01 1.90
N ARG B 260 10.94 -2.28 2.95
CA ARG B 260 9.53 -1.98 2.94
C ARG B 260 9.27 -0.47 2.93
N HIS B 261 10.15 0.27 3.61
CA HIS B 261 10.07 1.74 3.61
C HIS B 261 10.21 2.34 2.21
N VAL B 262 11.24 1.93 1.49
CA VAL B 262 11.50 2.54 0.19
C VAL B 262 10.58 2.03 -0.93
N THR B 263 10.04 0.81 -0.78
CA THR B 263 9.23 0.23 -1.87
C THR B 263 7.72 0.37 -1.68
N GLY B 264 7.26 0.30 -0.43
CA GLY B 264 5.84 0.27 -0.10
C GLY B 264 5.16 -1.07 -0.34
N LYS B 265 5.98 -2.10 -0.56
CA LYS B 265 5.48 -3.43 -0.93
C LYS B 265 5.43 -4.35 0.25
N PRO B 266 4.52 -5.34 0.20
CA PRO B 266 4.45 -6.28 1.30
C PRO B 266 5.62 -7.26 1.35
N ILE B 267 5.95 -7.68 2.56
CA ILE B 267 6.86 -8.78 2.80
C ILE B 267 5.95 -9.98 2.99
N TYR B 268 5.93 -10.87 2.00
CA TYR B 268 4.97 -11.98 1.93
C TYR B 268 5.37 -13.19 2.76
N PHE B 269 6.62 -13.60 2.60
CA PHE B 269 7.07 -14.86 3.16
C PHE B 269 8.34 -14.67 3.96
N ALA B 270 8.53 -15.57 4.92
CA ALA B 270 9.73 -15.68 5.74
C ALA B 270 10.36 -17.06 5.45
N GLY B 271 11.65 -17.09 5.11
CA GLY B 271 12.41 -18.35 4.97
C GLY B 271 13.01 -18.66 6.33
N VAL B 272 12.72 -19.85 6.83
CA VAL B 272 13.05 -20.20 8.22
C VAL B 272 13.85 -21.49 8.38
N SER B 273 14.30 -22.07 7.28
CA SER B 273 15.30 -23.11 7.34
C SER B 273 15.84 -23.33 5.95
N GLU B 274 16.86 -24.19 5.85
CA GLU B 274 17.49 -24.53 4.58
C GLU B 274 16.68 -25.60 3.83
N LYS B 275 15.68 -26.18 4.49
CA LYS B 275 14.85 -27.26 3.92
C LYS B 275 13.67 -26.71 3.11
N PRO B 276 13.18 -27.48 2.11
CA PRO B 276 12.04 -27.05 1.28
C PRO B 276 10.79 -26.68 2.10
N GLU B 277 10.63 -27.29 3.27
CA GLU B 277 9.50 -27.01 4.15
C GLU B 277 9.62 -25.66 4.87
N GLY B 278 10.82 -25.07 4.87
CA GLY B 278 11.14 -23.91 5.70
C GLY B 278 10.65 -22.57 5.16
N LEU B 279 9.34 -22.51 4.89
CA LEU B 279 8.67 -21.30 4.43
C LEU B 279 7.40 -21.08 5.26
N GLU B 280 7.18 -19.84 5.69
CA GLU B 280 6.02 -19.45 6.49
C GLU B 280 5.52 -18.13 5.92
N PRO B 281 4.24 -17.78 6.18
CA PRO B 281 3.88 -16.40 5.92
C PRO B 281 4.68 -15.51 6.87
N PHE B 282 5.05 -14.33 6.39
CA PHE B 282 5.74 -13.34 7.21
C PHE B 282 4.74 -12.65 8.14
N TYR B 283 5.11 -12.53 9.41
CA TYR B 283 4.29 -11.91 10.44
C TYR B 283 4.94 -10.62 10.93
N PRO B 284 4.41 -9.47 10.50
CA PRO B 284 4.98 -8.17 10.93
C PRO B 284 5.16 -8.06 12.46
N GLU B 285 4.17 -8.50 13.23
CA GLU B 285 4.21 -8.54 14.69
C GLU B 285 5.44 -9.30 15.24
N ARG B 286 5.79 -10.40 14.59
CA ARG B 286 6.96 -11.19 14.98
C ARG B 286 8.25 -10.48 14.70
N LEU B 287 8.43 -9.98 13.49
CA LEU B 287 9.67 -9.25 13.18
C LEU B 287 9.84 -8.00 14.04
N ALA B 288 8.72 -7.32 14.34
CA ALA B 288 8.67 -6.19 15.27
C ALA B 288 9.32 -6.56 16.60
N GLY B 289 8.81 -7.64 17.21
CA GLY B 289 9.42 -8.16 18.44
C GLY B 289 10.88 -8.55 18.30
N ARG B 290 11.24 -9.15 17.17
CA ARG B 290 12.62 -9.55 16.90
C ARG B 290 13.55 -8.33 16.83
N ILE B 291 13.10 -7.31 16.13
CA ILE B 291 13.92 -6.11 15.97
C ILE B 291 14.14 -5.41 17.32
N LEU B 292 13.10 -5.40 18.17
CA LEU B 292 13.12 -4.77 19.50
C LEU B 292 13.64 -5.70 20.63
N GLY B 293 13.94 -6.95 20.31
N GLY B 293 13.97 -6.94 20.29
CA GLY B 293 14.50 -7.91 21.28
CA GLY B 293 14.46 -7.90 21.28
C GLY B 293 13.50 -8.46 22.28
C GLY B 293 15.95 -8.19 21.18
N MET B 294 12.22 -8.42 21.92
N MET B 294 16.40 -9.17 21.94
CA MET B 294 11.17 -8.90 22.83
CA MET B 294 17.80 -9.53 21.99
C MET B 294 11.11 -10.42 22.90
C MET B 294 18.32 -9.84 20.58
N ILE C 1 -23.99 -14.94 1.63
CA ILE C 1 -22.75 -15.61 2.12
C ILE C 1 -23.08 -16.91 2.87
N PRO C 2 -22.47 -18.05 2.45
CA PRO C 2 -22.73 -19.37 3.03
C PRO C 2 -21.90 -19.70 4.29
N TRP C 3 -22.07 -18.90 5.34
CA TRP C 3 -21.28 -19.05 6.59
C TRP C 3 -21.31 -20.48 7.15
N GLY C 4 -20.38 -21.29 6.65
CA GLY C 4 -20.28 -22.70 6.97
C GLY C 4 -19.61 -23.51 5.85
N GLY C 5 -20.08 -23.32 4.62
CA GLY C 5 -19.72 -24.18 3.50
C GLY C 5 -18.27 -24.22 3.02
N ASN C 6 -18.09 -24.34 1.71
CA ASN C 6 -16.78 -24.40 1.07
C ASN C 6 -16.01 -23.07 1.19
N LEU C 7 -14.91 -23.09 1.95
CA LEU C 7 -14.02 -21.92 2.10
C LEU C 7 -13.91 -21.09 0.84
N GLU C 8 -13.48 -21.71 -0.26
CA GLU C 8 -13.22 -21.02 -1.52
C GLU C 8 -14.48 -20.33 -2.07
N GLU C 9 -15.65 -20.87 -1.72
CA GLU C 9 -16.94 -20.30 -2.14
C GLU C 9 -17.47 -19.29 -1.12
N VAL C 10 -17.12 -19.47 0.15
CA VAL C 10 -17.47 -18.50 1.19
C VAL C 10 -16.69 -17.20 0.97
N LEU C 11 -15.45 -17.31 0.50
CA LEU C 11 -14.60 -16.16 0.28
C LEU C 11 -14.96 -15.42 -1.00
N GLU C 12 -15.40 -16.15 -2.03
CA GLU C 12 -15.95 -15.56 -3.24
C GLU C 12 -17.19 -14.72 -2.93
N GLU C 13 -18.06 -15.24 -2.06
CA GLU C 13 -19.29 -14.53 -1.67
C GLU C 13 -19.01 -13.29 -0.84
N LEU C 14 -18.05 -13.41 0.07
CA LEU C 14 -17.64 -12.32 0.96
C LEU C 14 -17.06 -11.18 0.15
N GLU C 15 -16.22 -11.51 -0.81
CA GLU C 15 -15.63 -10.53 -1.71
C GLU C 15 -16.73 -9.72 -2.40
N MET C 16 -17.76 -10.43 -2.89
N MET C 16 -17.77 -10.43 -2.86
CA MET C 16 -18.88 -9.79 -3.59
CA MET C 16 -18.88 -9.81 -3.58
C MET C 16 -19.63 -8.83 -2.69
C MET C 16 -19.67 -8.86 -2.71
N ALA C 17 -19.92 -9.28 -1.47
CA ALA C 17 -20.65 -8.48 -0.50
C ALA C 17 -19.89 -7.22 -0.11
N LEU C 18 -18.58 -7.36 0.12
CA LEU C 18 -17.74 -6.23 0.48
C LEU C 18 -17.68 -5.23 -0.67
N LEU C 19 -17.44 -5.73 -1.88
CA LEU C 19 -17.39 -4.87 -3.07
C LEU C 19 -18.72 -4.14 -3.32
N ALA C 20 -19.84 -4.83 -3.10
CA ALA C 20 -21.17 -4.24 -3.23
C ALA C 20 -21.47 -3.18 -2.15
N ALA C 21 -20.79 -3.28 -1.00
CA ALA C 21 -20.90 -2.33 0.12
C ALA C 21 -20.03 -1.08 -0.05
N ASP C 22 -19.37 -0.98 -1.20
CA ASP C 22 -18.42 0.10 -1.48
C ASP C 22 -17.12 0.02 -0.67
N VAL C 23 -16.75 -1.18 -0.19
CA VAL C 23 -15.46 -1.34 0.52
C VAL C 23 -14.26 -1.01 -0.39
N GLY C 24 -14.40 -1.30 -1.68
CA GLY C 24 -13.39 -0.92 -2.66
C GLY C 24 -12.38 -2.05 -2.83
N LEU C 25 -11.68 -2.05 -3.95
CA LEU C 25 -10.80 -3.17 -4.32
C LEU C 25 -9.65 -3.40 -3.36
N SER C 26 -8.90 -2.34 -3.07
CA SER C 26 -7.73 -2.40 -2.19
C SER C 26 -8.05 -2.95 -0.80
N ALA C 27 -9.11 -2.47 -0.16
CA ALA C 27 -9.39 -2.91 1.21
C ALA C 27 -9.97 -4.32 1.22
N THR C 28 -10.82 -4.60 0.23
CA THR C 28 -11.39 -5.92 0.05
C THR C 28 -10.28 -6.96 -0.13
N GLU C 29 -9.35 -6.72 -1.04
CA GLU C 29 -8.21 -7.63 -1.25
C GLU C 29 -7.43 -7.88 0.03
N GLU C 30 -7.05 -6.80 0.71
CA GLU C 30 -6.29 -6.89 1.95
C GLU C 30 -7.02 -7.68 3.03
N ILE C 31 -8.30 -7.39 3.25
CA ILE C 31 -9.12 -8.20 4.17
C ILE C 31 -9.10 -9.71 3.83
N LEU C 32 -9.36 -10.04 2.57
CA LEU C 32 -9.39 -11.43 2.08
C LEU C 32 -8.05 -12.16 2.25
N GLN C 33 -6.97 -11.46 1.89
N GLN C 33 -6.96 -11.49 1.86
CA GLN C 33 -5.59 -11.95 2.04
CA GLN C 33 -5.65 -12.13 1.87
C GLN C 33 -5.26 -12.22 3.50
C GLN C 33 -5.13 -12.26 3.30
N GLU C 34 -5.49 -11.22 4.35
N GLU C 34 -5.49 -11.31 4.16
CA GLU C 34 -5.22 -11.35 5.79
CA GLU C 34 -5.18 -11.42 5.59
C GLU C 34 -5.95 -12.56 6.36
C GLU C 34 -5.89 -12.64 6.18
N VAL C 35 -7.20 -12.74 5.94
CA VAL C 35 -8.01 -13.87 6.42
C VAL C 35 -7.46 -15.20 5.86
N ARG C 36 -7.13 -15.26 4.58
CA ARG C 36 -6.51 -16.47 4.02
C ARG C 36 -5.22 -16.85 4.76
N ALA C 37 -4.33 -15.88 4.96
CA ALA C 37 -3.04 -16.12 5.59
C ALA C 37 -3.13 -16.49 7.07
N SER C 38 -4.30 -16.23 7.67
CA SER C 38 -4.52 -16.49 9.09
C SER C 38 -4.60 -18.00 9.39
N GLY C 39 -4.96 -18.77 8.36
CA GLY C 39 -5.15 -20.21 8.46
C GLY C 39 -6.52 -20.60 8.99
N ARG C 40 -7.26 -19.62 9.49
CA ARG C 40 -8.54 -19.85 10.18
C ARG C 40 -9.65 -20.39 9.27
N LYS C 41 -10.48 -21.25 9.85
CA LYS C 41 -11.57 -21.88 9.12
C LYS C 41 -12.94 -21.36 9.62
N ASP C 42 -12.96 -20.82 10.84
CA ASP C 42 -14.11 -20.03 11.31
C ASP C 42 -14.13 -18.66 10.62
N LEU C 43 -14.45 -18.67 9.32
CA LEU C 43 -14.38 -17.49 8.48
C LEU C 43 -15.32 -16.37 8.91
N LYS C 44 -16.46 -16.73 9.48
CA LYS C 44 -17.42 -15.73 9.91
C LYS C 44 -16.83 -14.79 10.95
N GLU C 45 -16.30 -15.35 12.04
CA GLU C 45 -15.82 -14.50 13.12
C GLU C 45 -14.39 -13.99 12.97
N ALA C 46 -13.64 -14.57 12.02
CA ALA C 46 -12.34 -14.02 11.63
C ALA C 46 -12.57 -12.73 10.84
N VAL C 47 -13.44 -12.78 9.86
CA VAL C 47 -13.81 -11.60 9.10
C VAL C 47 -14.43 -10.54 10.01
N LYS C 48 -15.32 -10.96 10.91
CA LYS C 48 -15.98 -10.01 11.80
C LYS C 48 -15.01 -9.35 12.77
N GLU C 49 -14.16 -10.15 13.43
CA GLU C 49 -13.10 -9.61 14.30
C GLU C 49 -12.26 -8.57 13.57
N LYS C 50 -11.87 -8.90 12.34
CA LYS C 50 -11.01 -8.05 11.54
C LYS C 50 -11.65 -6.70 11.27
N LEU C 51 -12.90 -6.73 10.80
CA LEU C 51 -13.63 -5.53 10.44
C LEU C 51 -13.98 -4.66 11.64
N VAL C 52 -14.47 -5.26 12.72
CA VAL C 52 -14.82 -4.53 13.94
C VAL C 52 -13.58 -3.93 14.60
N GLY C 53 -12.49 -4.69 14.59
CA GLY C 53 -11.21 -4.23 15.09
C GLY C 53 -10.70 -3.01 14.35
N MET C 54 -10.68 -3.05 13.02
CA MET C 54 -10.22 -1.89 12.24
C MET C 54 -11.14 -0.66 12.35
N LEU C 55 -12.43 -0.86 12.59
CA LEU C 55 -13.34 0.27 12.75
C LEU C 55 -13.28 0.89 14.15
N GLU C 56 -12.45 0.32 15.04
CA GLU C 56 -12.05 0.98 16.28
C GLU C 56 -10.52 1.09 16.29
N PRO C 57 -9.96 2.10 15.57
CA PRO C 57 -8.52 2.16 15.28
C PRO C 57 -7.69 2.38 16.54
N LYS C 75 -22.65 4.08 24.08
CA LYS C 75 -21.52 4.83 24.65
C LYS C 75 -21.58 6.30 24.21
N PRO C 76 -21.89 7.23 25.15
CA PRO C 76 -22.06 8.66 24.80
C PRO C 76 -20.77 9.29 24.27
N VAL C 77 -20.92 10.14 23.26
CA VAL C 77 -19.80 10.80 22.62
C VAL C 77 -19.50 12.14 23.28
N GLU C 78 -18.33 12.22 23.92
CA GLU C 78 -17.88 13.46 24.54
C GLU C 78 -16.91 14.22 23.65
N PRO C 79 -17.29 15.44 23.21
CA PRO C 79 -16.34 16.28 22.46
C PRO C 79 -15.17 16.68 23.36
N LYS C 80 -13.98 16.77 22.78
CA LYS C 80 -12.76 17.07 23.54
C LYS C 80 -12.61 18.54 23.94
N GLY C 81 -13.44 19.41 23.36
CA GLY C 81 -13.45 20.83 23.71
C GLY C 81 -14.80 21.46 23.47
N ARG C 82 -14.79 22.78 23.28
CA ARG C 82 -16.02 23.55 23.18
C ARG C 82 -16.43 23.88 21.75
N VAL C 83 -15.48 23.86 20.82
CA VAL C 83 -15.80 24.18 19.43
C VAL C 83 -15.66 22.93 18.55
N VAL C 84 -16.74 22.60 17.83
CA VAL C 84 -16.70 21.55 16.81
C VAL C 84 -16.83 22.18 15.42
N LEU C 85 -15.83 21.94 14.57
CA LEU C 85 -15.86 22.41 13.20
C LEU C 85 -16.31 21.30 12.23
N VAL C 86 -17.43 21.53 11.54
CA VAL C 86 -18.05 20.50 10.67
C VAL C 86 -17.77 20.77 9.19
N VAL C 87 -17.20 19.77 8.52
CA VAL C 87 -16.66 19.94 7.16
C VAL C 87 -17.12 18.83 6.23
N GLY C 88 -17.02 19.07 4.93
CA GLY C 88 -17.40 18.05 3.94
C GLY C 88 -17.81 18.65 2.60
N VAL C 89 -17.97 17.80 1.59
CA VAL C 89 -18.29 18.27 0.23
C VAL C 89 -19.77 18.66 0.10
N ASN C 90 -20.16 19.23 -1.02
CA ASN C 90 -21.55 19.70 -1.13
C ASN C 90 -22.63 18.60 -1.03
N GLY C 91 -23.64 18.85 -0.20
CA GLY C 91 -24.84 17.98 -0.14
C GLY C 91 -24.75 16.76 0.78
N VAL C 92 -23.64 16.58 1.47
CA VAL C 92 -23.44 15.36 2.27
C VAL C 92 -24.29 15.30 3.56
N GLY C 93 -24.70 16.47 4.07
CA GLY C 93 -25.60 16.50 5.25
C GLY C 93 -25.06 17.29 6.44
N LYS C 94 -24.10 18.18 6.21
CA LYS C 94 -23.45 18.98 7.27
C LYS C 94 -24.44 19.78 8.10
N THR C 95 -25.33 20.51 7.45
CA THR C 95 -26.23 21.45 8.15
C THR C 95 -27.23 20.69 9.03
N THR C 96 -27.85 19.66 8.45
CA THR C 96 -28.78 18.78 9.14
C THR C 96 -28.12 18.02 10.30
N THR C 97 -26.88 17.59 10.10
CA THR C 97 -26.18 16.87 11.15
C THR C 97 -25.91 17.77 12.36
N ILE C 98 -25.61 19.04 12.09
CA ILE C 98 -25.40 20.02 13.16
C ILE C 98 -26.67 20.22 13.97
N ALA C 99 -27.81 20.27 13.29
CA ALA C 99 -29.11 20.28 13.97
C ALA C 99 -29.27 19.05 14.90
N LYS C 100 -28.94 17.87 14.39
CA LYS C 100 -29.01 16.64 15.20
C LYS C 100 -28.03 16.65 16.37
N LEU C 101 -26.85 17.22 16.17
CA LEU C 101 -25.87 17.36 17.25
C LEU C 101 -26.37 18.35 18.34
N GLY C 102 -27.06 19.40 17.93
CA GLY C 102 -27.70 20.28 18.92
C GLY C 102 -28.70 19.51 19.76
N ARG C 103 -29.57 18.73 19.11
CA ARG C 103 -30.56 17.87 19.80
C ARG C 103 -29.92 16.83 20.71
N TYR C 104 -28.90 16.13 20.19
CA TYR C 104 -28.17 15.13 20.98
C TYR C 104 -27.63 15.71 22.30
N TYR C 105 -26.93 16.83 22.20
CA TYR C 105 -26.23 17.43 23.33
C TYR C 105 -27.09 18.26 24.26
N GLN C 106 -28.14 18.90 23.73
CA GLN C 106 -29.12 19.54 24.60
C GLN C 106 -29.87 18.49 25.46
N ASN C 107 -30.07 17.29 24.91
CA ASN C 107 -30.64 16.19 25.70
C ASN C 107 -29.75 15.79 26.87
N LEU C 108 -28.45 16.07 26.75
CA LEU C 108 -27.50 15.79 27.82
C LEU C 108 -27.29 17.00 28.72
N GLY C 109 -28.14 18.02 28.53
CA GLY C 109 -28.14 19.20 29.37
C GLY C 109 -26.99 20.14 29.07
N LYS C 110 -26.48 20.08 27.84
CA LYS C 110 -25.43 20.98 27.38
C LYS C 110 -26.02 22.26 26.82
N LYS C 111 -25.30 23.36 26.99
CA LYS C 111 -25.67 24.66 26.44
C LYS C 111 -24.97 24.83 25.09
N VAL C 112 -25.77 24.79 24.03
CA VAL C 112 -25.26 24.63 22.66
C VAL C 112 -25.58 25.88 21.86
N MET C 113 -24.64 26.34 21.05
CA MET C 113 -24.85 27.43 20.11
C MET C 113 -24.41 26.93 18.72
N PHE C 114 -25.00 27.48 17.66
CA PHE C 114 -24.62 27.15 16.27
C PHE C 114 -24.01 28.40 15.64
N CYS C 115 -23.07 28.21 14.71
CA CYS C 115 -22.59 29.27 13.80
C CYS C 115 -22.95 28.89 12.37
N ALA C 116 -23.77 29.71 11.73
CA ALA C 116 -24.17 29.50 10.34
C ALA C 116 -23.07 30.00 9.43
N GLY C 117 -21.98 29.24 9.39
CA GLY C 117 -20.79 29.61 8.68
C GLY C 117 -20.84 29.39 7.18
N ASP C 118 -21.94 28.83 6.66
CA ASP C 118 -22.14 28.83 5.21
C ASP C 118 -22.79 30.15 4.80
N THR C 119 -21.94 31.13 4.50
CA THR C 119 -22.37 32.45 4.06
C THR C 119 -22.30 32.56 2.53
N PHE C 120 -22.18 31.41 1.87
CA PHE C 120 -21.98 31.35 0.42
C PHE C 120 -23.22 30.90 -0.36
N ARG C 121 -23.80 29.78 0.06
CA ARG C 121 -24.84 29.16 -0.74
C ARG C 121 -26.20 29.78 -0.42
N ALA C 122 -27.07 29.84 -1.43
CA ALA C 122 -28.45 30.33 -1.24
C ALA C 122 -29.16 29.66 -0.06
N ALA C 123 -29.53 30.47 0.94
CA ALA C 123 -30.28 30.03 2.13
C ALA C 123 -29.50 29.08 3.01
N GLY C 124 -28.17 29.06 2.87
CA GLY C 124 -27.33 28.18 3.68
C GLY C 124 -27.33 28.53 5.17
N GLY C 125 -27.44 29.82 5.48
CA GLY C 125 -27.55 30.32 6.85
C GLY C 125 -28.97 30.29 7.40
N THR C 126 -29.94 30.66 6.58
CA THR C 126 -31.36 30.61 6.93
C THR C 126 -31.77 29.19 7.29
N GLN C 127 -31.19 28.21 6.59
CA GLN C 127 -31.54 26.81 6.80
C GLN C 127 -31.21 26.36 8.21
N LEU C 128 -30.01 26.72 8.67
CA LEU C 128 -29.56 26.35 10.03
C LEU C 128 -30.29 27.19 11.07
N SER C 129 -30.57 28.46 10.74
CA SER C 129 -31.43 29.31 11.57
C SER C 129 -32.81 28.67 11.89
N GLU C 130 -33.49 28.14 10.87
N GLU C 130 -33.46 28.11 10.88
CA GLU C 130 -34.76 27.46 11.07
CA GLU C 130 -34.77 27.49 11.07
C GLU C 130 -34.63 26.35 12.09
C GLU C 130 -34.71 26.25 11.97
N TRP C 131 -33.57 25.55 11.95
CA TRP C 131 -33.31 24.43 12.87
C TRP C 131 -33.09 24.97 14.29
N GLY C 132 -32.35 26.08 14.40
CA GLY C 132 -32.11 26.74 15.66
C GLY C 132 -33.40 27.14 16.36
N LYS C 133 -34.34 27.67 15.58
CA LYS C 133 -35.65 28.07 16.09
C LYS C 133 -36.42 26.86 16.55
N ARG C 134 -36.38 25.76 15.77
CA ARG C 134 -37.09 24.54 16.15
C ARG C 134 -36.55 23.95 17.45
N LEU C 135 -35.26 24.11 17.67
CA LEU C 135 -34.58 23.44 18.76
C LEU C 135 -34.31 24.34 19.96
N SER C 136 -34.70 25.61 19.87
CA SER C 136 -34.36 26.65 20.86
C SER C 136 -32.86 26.78 21.10
N ILE C 137 -32.08 26.74 20.02
CA ILE C 137 -30.63 26.87 20.09
C ILE C 137 -30.30 28.12 19.32
N PRO C 138 -29.51 29.03 19.92
CA PRO C 138 -29.21 30.28 19.23
C PRO C 138 -28.22 30.09 18.07
N VAL C 139 -28.40 30.89 17.02
CA VAL C 139 -27.60 30.74 15.82
C VAL C 139 -26.98 32.09 15.44
N ILE C 140 -25.66 32.12 15.40
CA ILE C 140 -24.91 33.24 14.90
C ILE C 140 -24.91 33.21 13.35
N GLN C 141 -25.46 34.28 12.76
CA GLN C 141 -25.63 34.46 11.31
C GLN C 141 -25.07 35.80 10.87
N GLY C 142 -24.66 35.88 9.60
CA GLY C 142 -24.38 37.15 8.93
C GLY C 142 -25.13 37.23 7.60
N PRO C 143 -25.18 38.42 6.98
CA PRO C 143 -25.70 38.54 5.60
C PRO C 143 -24.91 37.66 4.62
N GLU C 144 -25.53 37.23 3.52
CA GLU C 144 -24.81 36.43 2.51
C GLU C 144 -23.57 37.19 2.08
N GLY C 145 -22.46 36.46 1.94
CA GLY C 145 -21.18 37.05 1.55
C GLY C 145 -20.29 37.52 2.70
N THR C 146 -20.74 37.43 3.94
CA THR C 146 -19.84 37.82 5.03
C THR C 146 -18.74 36.78 5.11
N ASP C 147 -17.57 37.22 5.56
CA ASP C 147 -16.41 36.35 5.66
C ASP C 147 -16.69 35.28 6.72
N PRO C 148 -16.70 34.00 6.31
CA PRO C 148 -17.04 32.93 7.26
C PRO C 148 -16.02 32.80 8.41
N ALA C 149 -14.75 33.11 8.12
CA ALA C 149 -13.70 33.06 9.14
C ALA C 149 -13.92 34.16 10.20
N ALA C 150 -14.25 35.37 9.76
CA ALA C 150 -14.54 36.46 10.70
C ALA C 150 -15.79 36.16 11.53
N LEU C 151 -16.78 35.49 10.92
CA LEU C 151 -18.02 35.13 11.62
C LEU C 151 -17.76 34.06 12.66
N ALA C 152 -16.99 33.03 12.30
CA ALA C 152 -16.55 32.00 13.28
C ALA C 152 -15.77 32.56 14.50
N TYR C 153 -14.83 33.46 14.24
CA TYR C 153 -14.13 34.21 15.29
C TYR C 153 -15.13 34.84 16.24
N ASP C 154 -16.06 35.62 15.69
CA ASP C 154 -17.09 36.30 16.50
C ASP C 154 -18.03 35.33 17.24
N ALA C 155 -18.39 34.23 16.58
CA ALA C 155 -19.22 33.17 17.19
C ALA C 155 -18.56 32.52 18.41
N VAL C 156 -17.25 32.32 18.32
CA VAL C 156 -16.49 31.73 19.42
C VAL C 156 -16.48 32.70 20.59
N GLN C 157 -16.16 33.96 20.31
CA GLN C 157 -16.22 35.01 21.32
C GLN C 157 -17.57 35.05 22.03
N ALA C 158 -18.65 34.91 21.27
CA ALA C 158 -20.01 34.90 21.80
C ALA C 158 -20.28 33.69 22.69
N MET C 159 -19.74 32.53 22.30
CA MET C 159 -19.92 31.33 23.09
C MET C 159 -19.20 31.43 24.44
N LYS C 160 -17.96 31.93 24.41
CA LYS C 160 -17.19 32.15 25.64
C LYS C 160 -17.90 33.14 26.56
N ALA C 161 -18.40 34.23 25.98
CA ALA C 161 -19.02 35.32 26.76
C ALA C 161 -20.30 34.89 27.43
N ARG C 162 -21.03 33.97 26.81
CA ARG C 162 -22.25 33.40 27.37
C ARG C 162 -22.01 32.19 28.29
N GLY C 163 -20.77 31.70 28.37
CA GLY C 163 -20.45 30.52 29.18
C GLY C 163 -21.07 29.24 28.63
N TYR C 164 -21.26 29.18 27.31
CA TYR C 164 -21.85 28.01 26.70
C TYR C 164 -20.87 26.85 26.63
N ASP C 165 -21.43 25.65 26.50
CA ASP C 165 -20.63 24.41 26.53
C ASP C 165 -20.07 24.05 25.14
N LEU C 166 -20.89 24.24 24.12
CA LEU C 166 -20.55 23.77 22.79
C LEU C 166 -20.93 24.77 21.72
N LEU C 167 -20.07 24.91 20.73
CA LEU C 167 -20.38 25.66 19.53
C LEU C 167 -20.14 24.75 18.34
N PHE C 168 -21.18 24.57 17.51
CA PHE C 168 -21.04 23.88 16.21
C PHE C 168 -20.93 24.84 15.03
N VAL C 169 -19.80 24.78 14.36
CA VAL C 169 -19.54 25.62 13.22
C VAL C 169 -19.82 24.88 11.90
N ASP C 170 -20.93 25.26 11.28
CA ASP C 170 -21.29 24.87 9.92
C ASP C 170 -20.33 25.54 8.93
N THR C 171 -20.08 24.88 7.81
CA THR C 171 -19.23 25.44 6.75
C THR C 171 -19.93 25.23 5.43
N ALA C 172 -19.63 26.09 4.44
CA ALA C 172 -20.17 25.87 3.11
C ALA C 172 -19.66 24.54 2.54
N GLY C 173 -20.50 23.86 1.77
CA GLY C 173 -20.03 22.70 1.03
C GLY C 173 -18.94 23.12 0.07
N ARG C 174 -17.93 22.28 -0.09
CA ARG C 174 -16.86 22.53 -1.03
C ARG C 174 -16.32 21.21 -1.56
N LEU C 175 -16.00 21.18 -2.85
CA LEU C 175 -15.34 20.01 -3.38
C LEU C 175 -13.88 20.07 -2.97
N HIS C 176 -13.37 18.94 -2.49
CA HIS C 176 -11.99 18.82 -2.01
C HIS C 176 -10.96 19.10 -3.12
N THR C 177 -11.41 19.12 -4.39
CA THR C 177 -10.53 19.43 -5.53
C THR C 177 -10.31 20.94 -5.72
N LYS C 178 -11.15 21.75 -5.08
CA LYS C 178 -11.11 23.20 -5.23
C LYS C 178 -10.13 23.73 -4.18
N HIS C 179 -8.89 23.91 -4.63
N HIS C 179 -8.85 23.88 -4.51
CA HIS C 179 -7.73 24.24 -3.79
CA HIS C 179 -7.93 24.22 -3.42
C HIS C 179 -7.92 25.48 -2.92
C HIS C 179 -8.01 25.68 -2.97
N ASN C 180 -8.43 26.54 -3.52
N ASN C 180 -8.66 26.51 -3.78
CA ASN C 180 -8.63 27.78 -2.79
CA ASN C 180 -9.04 27.86 -3.38
C ASN C 180 -9.74 27.68 -1.75
C ASN C 180 -9.98 27.92 -2.17
N LEU C 181 -10.75 26.84 -2.00
CA LEU C 181 -11.85 26.73 -1.03
C LEU C 181 -11.38 25.93 0.16
N MET C 182 -10.42 25.06 -0.07
CA MET C 182 -9.80 24.34 1.03
C MET C 182 -8.91 25.28 1.87
N GLU C 183 -8.37 26.32 1.24
CA GLU C 183 -7.61 27.37 1.96
C GLU C 183 -8.57 28.18 2.82
N GLU C 184 -9.76 28.45 2.30
CA GLU C 184 -10.79 29.15 3.06
C GLU C 184 -11.12 28.40 4.34
N LEU C 185 -11.32 27.08 4.22
CA LEU C 185 -11.57 26.24 5.41
C LEU C 185 -10.43 26.36 6.42
N LYS C 186 -9.20 26.40 5.92
CA LYS C 186 -8.03 26.55 6.79
C LYS C 186 -8.08 27.86 7.59
N LYS C 187 -8.46 28.96 6.93
CA LYS C 187 -8.63 30.24 7.60
C LYS C 187 -9.70 30.20 8.69
N VAL C 188 -10.75 29.42 8.46
CA VAL C 188 -11.85 29.32 9.41
C VAL C 188 -11.30 28.70 10.69
N LYS C 189 -10.49 27.66 10.51
CA LYS C 189 -9.90 26.95 11.62
C LYS C 189 -8.97 27.85 12.45
N ARG C 190 -8.13 28.62 11.76
CA ARG C 190 -7.24 29.60 12.41
C ARG C 190 -8.01 30.71 13.13
N ALA C 191 -9.16 31.09 12.58
CA ALA C 191 -9.96 32.14 13.16
C ALA C 191 -10.56 31.70 14.48
N ILE C 192 -11.01 30.44 14.53
CA ILE C 192 -11.45 29.80 15.77
C ILE C 192 -10.34 29.75 16.83
N ALA C 193 -9.14 29.42 16.40
CA ALA C 193 -7.98 29.24 17.27
C ALA C 193 -7.53 30.59 17.76
N LYS C 194 -7.73 31.63 16.94
CA LYS C 194 -7.39 32.99 17.33
C LYS C 194 -8.26 33.46 18.51
N ALA C 195 -9.56 33.22 18.44
CA ALA C 195 -10.47 33.58 19.52
C ALA C 195 -10.29 32.70 20.75
N ASP C 196 -9.94 31.43 20.53
CA ASP C 196 -9.70 30.50 21.65
C ASP C 196 -8.62 29.50 21.25
N PRO C 197 -7.41 29.66 21.82
CA PRO C 197 -6.20 28.94 21.44
C PRO C 197 -6.28 27.44 21.54
N GLU C 198 -7.19 26.93 22.35
CA GLU C 198 -7.34 25.50 22.51
C GLU C 198 -8.16 24.90 21.35
N GLU C 199 -8.85 25.75 20.62
CA GLU C 199 -9.92 25.32 19.72
C GLU C 199 -9.54 25.39 18.21
N PRO C 200 -10.24 24.60 17.35
CA PRO C 200 -11.30 23.65 17.66
C PRO C 200 -10.71 22.30 18.01
N LYS C 201 -11.20 21.72 19.10
CA LYS C 201 -10.74 20.41 19.51
C LYS C 201 -11.40 19.25 18.75
N GLU C 202 -12.42 19.55 17.95
CA GLU C 202 -13.01 18.56 17.07
C GLU C 202 -13.18 19.13 15.68
N VAL C 203 -12.81 18.32 14.69
CA VAL C 203 -13.04 18.67 13.31
C VAL C 203 -13.61 17.40 12.71
N TRP C 204 -14.91 17.42 12.39
CA TRP C 204 -15.60 16.22 11.99
C TRP C 204 -15.96 16.29 10.52
N LEU C 205 -15.52 15.29 9.76
CA LEU C 205 -15.91 15.16 8.35
C LEU C 205 -17.29 14.52 8.27
N VAL C 206 -18.15 15.08 7.44
CA VAL C 206 -19.43 14.44 7.15
C VAL C 206 -19.34 13.74 5.78
N LEU C 207 -19.67 12.44 5.76
CA LEU C 207 -19.66 11.65 4.55
C LEU C 207 -21.03 11.05 4.31
N ASP C 208 -21.50 11.13 3.08
CA ASP C 208 -22.77 10.55 2.64
C ASP C 208 -22.55 9.06 2.41
N ALA C 209 -23.37 8.21 3.03
CA ALA C 209 -23.19 6.75 2.92
C ALA C 209 -23.26 6.22 1.49
N VAL C 210 -23.99 6.90 0.63
CA VAL C 210 -24.11 6.50 -0.78
C VAL C 210 -22.80 6.69 -1.60
N THR C 211 -21.89 7.52 -1.09
CA THR C 211 -20.61 7.80 -1.76
C THR C 211 -19.83 6.51 -2.04
N GLY C 212 -19.25 6.44 -3.24
CA GLY C 212 -18.31 5.38 -3.56
C GLY C 212 -16.89 5.76 -3.19
N GLN C 213 -15.95 5.38 -4.05
CA GLN C 213 -14.51 5.42 -3.74
C GLN C 213 -13.98 6.84 -3.54
N ASN C 214 -14.69 7.82 -4.07
CA ASN C 214 -14.32 9.22 -3.90
C ASN C 214 -14.29 9.61 -2.42
N GLY C 215 -15.05 8.91 -1.58
CA GLY C 215 -15.10 9.20 -0.15
C GLY C 215 -13.72 9.16 0.49
N LEU C 216 -12.90 8.20 0.07
CA LEU C 216 -11.51 8.11 0.53
C LEU C 216 -10.70 9.34 0.14
N GLU C 217 -10.82 9.80 -1.10
CA GLU C 217 -10.15 11.04 -1.50
C GLU C 217 -10.63 12.28 -0.72
N GLN C 218 -11.94 12.38 -0.54
CA GLN C 218 -12.53 13.42 0.30
C GLN C 218 -11.90 13.41 1.66
N ALA C 219 -11.93 12.26 2.32
CA ALA C 219 -11.36 12.13 3.67
C ALA C 219 -9.88 12.52 3.71
N LYS C 220 -9.12 12.02 2.74
CA LYS C 220 -7.67 12.36 2.64
C LYS C 220 -7.43 13.85 2.57
N LYS C 221 -8.17 14.54 1.70
CA LYS C 221 -7.93 15.94 1.39
C LYS C 221 -8.40 16.89 2.49
N PHE C 222 -9.54 16.56 3.12
CA PHE C 222 -9.98 17.33 4.26
C PHE C 222 -9.05 17.12 5.47
N HIS C 223 -8.58 15.90 5.67
CA HIS C 223 -7.63 15.59 6.75
C HIS C 223 -6.33 16.38 6.58
N GLU C 224 -5.79 16.34 5.35
CA GLU C 224 -4.63 17.14 4.98
C GLU C 224 -4.83 18.63 5.28
N ALA C 225 -6.01 19.15 4.95
CA ALA C 225 -6.27 20.58 5.12
C ALA C 225 -6.44 21.02 6.57
N VAL C 226 -7.28 20.33 7.33
CA VAL C 226 -7.70 20.81 8.64
C VAL C 226 -7.57 19.78 9.77
N GLY C 227 -7.13 18.57 9.43
CA GLY C 227 -6.87 17.55 10.45
C GLY C 227 -8.10 17.04 11.19
N LEU C 228 -8.65 15.94 10.72
CA LEU C 228 -9.90 15.44 11.23
C LEU C 228 -9.68 14.72 12.52
N THR C 229 -10.66 14.82 13.42
CA THR C 229 -10.64 14.09 14.66
C THR C 229 -11.80 13.11 14.67
N GLY C 230 -12.61 13.11 13.61
CA GLY C 230 -13.73 12.18 13.54
C GLY C 230 -14.49 12.28 12.25
N VAL C 231 -15.33 11.27 12.01
CA VAL C 231 -16.19 11.21 10.81
C VAL C 231 -17.61 10.91 11.25
N ILE C 232 -18.57 11.57 10.61
CA ILE C 232 -19.99 11.23 10.75
C ILE C 232 -20.47 10.76 9.39
N VAL C 233 -21.11 9.59 9.35
CA VAL C 233 -21.59 9.05 8.08
C VAL C 233 -23.10 9.26 8.06
N THR C 234 -23.60 9.98 7.05
CA THR C 234 -25.04 10.25 6.98
C THR C 234 -25.77 9.34 6.00
N LYS C 235 -27.10 9.36 6.05
CA LYS C 235 -27.94 8.68 5.06
C LYS C 235 -27.76 7.18 5.07
N LEU C 236 -27.43 6.65 6.26
CA LEU C 236 -27.25 5.24 6.45
C LEU C 236 -28.60 4.54 6.61
N ASP C 237 -29.68 5.32 6.69
CA ASP C 237 -31.04 4.77 6.54
C ASP C 237 -31.39 4.31 5.11
N GLY C 238 -30.58 4.72 4.13
CA GLY C 238 -30.74 4.23 2.75
C GLY C 238 -30.25 2.81 2.56
N THR C 239 -30.22 2.34 1.32
CA THR C 239 -29.76 0.97 1.04
C THR C 239 -28.24 0.83 1.08
N ALA C 240 -27.52 1.94 0.96
CA ALA C 240 -26.06 1.92 0.95
C ALA C 240 -25.48 1.50 2.30
N LYS C 241 -24.31 0.86 2.28
CA LYS C 241 -23.71 0.30 3.51
C LYS C 241 -22.70 1.23 4.16
N GLY C 242 -22.22 2.21 3.40
CA GLY C 242 -21.21 3.11 3.93
C GLY C 242 -19.85 2.45 3.95
N GLY C 243 -19.60 1.57 2.97
CA GLY C 243 -18.40 0.69 3.00
C GLY C 243 -17.06 1.39 2.84
N VAL C 244 -17.06 2.58 2.25
CA VAL C 244 -15.82 3.35 2.07
C VAL C 244 -15.20 3.82 3.43
N LEU C 245 -15.98 3.73 4.50
CA LEU C 245 -15.46 4.00 5.84
C LEU C 245 -14.30 3.06 6.15
N ILE C 246 -14.38 1.82 5.65
CA ILE C 246 -13.31 0.84 5.88
C ILE C 246 -11.93 1.36 5.39
N PRO C 247 -11.76 1.65 4.07
CA PRO C 247 -10.46 2.22 3.71
C PRO C 247 -10.11 3.58 4.36
N ILE C 248 -11.13 4.38 4.70
CA ILE C 248 -10.89 5.68 5.35
C ILE C 248 -10.24 5.45 6.71
N VAL C 249 -10.81 4.55 7.51
CA VAL C 249 -10.31 4.27 8.86
C VAL C 249 -9.00 3.47 8.85
N ARG C 250 -8.88 2.56 7.89
CA ARG C 250 -7.66 1.80 7.68
C ARG C 250 -6.48 2.72 7.37
N THR C 251 -6.74 3.69 6.49
CA THR C 251 -5.75 4.61 5.97
C THR C 251 -5.45 5.80 6.89
N LEU C 252 -6.49 6.39 7.47
CA LEU C 252 -6.33 7.64 8.18
C LEU C 252 -6.40 7.54 9.68
N LYS C 253 -6.85 6.37 10.17
CA LYS C 253 -7.01 6.11 11.61
C LYS C 253 -7.95 7.11 12.30
N VAL C 254 -8.94 7.60 11.56
CA VAL C 254 -9.88 8.61 12.08
C VAL C 254 -11.11 7.86 12.61
N PRO C 255 -11.47 8.09 13.88
CA PRO C 255 -12.61 7.36 14.46
C PRO C 255 -13.97 7.80 13.88
N ILE C 256 -14.93 6.87 13.79
CA ILE C 256 -16.30 7.22 13.38
C ILE C 256 -17.10 7.58 14.61
N LYS C 257 -17.68 8.79 14.63
CA LYS C 257 -18.33 9.30 15.84
C LYS C 257 -19.81 8.97 15.90
N PHE C 258 -20.53 9.29 14.82
CA PHE C 258 -21.95 9.08 14.79
C PHE C 258 -22.36 8.60 13.42
N VAL C 259 -23.60 8.11 13.36
CA VAL C 259 -24.29 7.84 12.10
C VAL C 259 -25.58 8.64 12.01
N GLY C 260 -25.86 9.18 10.83
CA GLY C 260 -27.17 9.77 10.53
C GLY C 260 -28.07 8.73 9.89
N VAL C 261 -29.29 8.62 10.42
CA VAL C 261 -30.26 7.65 9.95
C VAL C 261 -31.64 8.29 9.66
N GLY C 262 -31.65 9.54 9.19
CA GLY C 262 -32.92 10.15 8.80
C GLY C 262 -32.80 11.65 8.76
N GLU C 263 -33.94 12.31 8.52
CA GLU C 263 -33.96 13.75 8.30
C GLU C 263 -34.50 14.54 9.51
N GLY C 264 -34.88 13.82 10.57
CA GLY C 264 -35.31 14.50 11.80
C GLY C 264 -34.20 14.76 12.80
N PRO C 265 -34.39 15.71 13.74
CA PRO C 265 -33.32 16.06 14.68
C PRO C 265 -32.91 14.92 15.64
N ASP C 266 -33.74 13.88 15.77
CA ASP C 266 -33.38 12.73 16.61
C ASP C 266 -32.63 11.61 15.88
N ASP C 267 -32.47 11.74 14.56
CA ASP C 267 -31.99 10.64 13.71
C ASP C 267 -30.46 10.56 13.61
N LEU C 268 -29.86 10.42 14.79
CA LEU C 268 -28.43 10.36 14.98
C LEU C 268 -28.12 9.34 16.08
N GLN C 269 -27.16 8.46 15.80
CA GLN C 269 -26.79 7.41 16.73
C GLN C 269 -25.29 7.42 16.87
N PRO C 270 -24.77 7.25 18.12
CA PRO C 270 -23.32 7.08 18.24
C PRO C 270 -22.93 5.81 17.48
N PHE C 271 -21.75 5.81 16.87
CA PHE C 271 -21.34 4.70 16.00
C PHE C 271 -21.12 3.41 16.79
N ASP C 272 -21.67 2.31 16.29
CA ASP C 272 -21.57 0.99 16.92
C ASP C 272 -20.88 0.08 15.89
N PRO C 273 -19.55 -0.15 16.04
CA PRO C 273 -18.77 -0.93 15.06
C PRO C 273 -19.36 -2.32 14.81
N GLU C 274 -19.75 -3.03 15.87
CA GLU C 274 -20.23 -4.39 15.67
C GLU C 274 -21.54 -4.44 14.86
N ALA C 275 -22.50 -3.60 15.22
CA ALA C 275 -23.75 -3.51 14.46
C ALA C 275 -23.53 -2.99 13.03
N PHE C 276 -22.62 -2.02 12.86
CA PHE C 276 -22.27 -1.56 11.51
C PHE C 276 -21.78 -2.75 10.66
N VAL C 277 -20.78 -3.47 11.17
CA VAL C 277 -20.19 -4.60 10.47
C VAL C 277 -21.23 -5.68 10.17
N GLU C 278 -22.10 -5.96 11.13
CA GLU C 278 -23.18 -6.91 10.93
C GLU C 278 -24.08 -6.47 9.76
N ALA C 279 -24.38 -5.17 9.71
CA ALA C 279 -25.22 -4.59 8.66
C ALA C 279 -24.54 -4.66 7.32
N LEU C 280 -23.24 -4.37 7.30
CA LEU C 280 -22.44 -4.39 6.07
C LEU C 280 -22.45 -5.75 5.35
N LEU C 281 -22.37 -6.83 6.13
CA LEU C 281 -22.36 -8.20 5.59
C LEU C 281 -23.76 -8.81 5.44
N GLU C 282 -24.77 -8.15 6.01
CA GLU C 282 -26.17 -8.62 6.02
C GLU C 282 -26.75 -8.89 4.63
N ASN D 6 31.80 23.31 10.80
CA ASN D 6 32.68 23.29 12.01
C ASN D 6 33.23 21.90 12.33
N LEU D 7 34.00 21.81 13.42
CA LEU D 7 34.55 20.55 13.91
C LEU D 7 33.43 19.51 14.07
N GLU D 8 32.43 19.88 14.88
CA GLU D 8 31.30 19.01 15.19
C GLU D 8 30.43 18.66 13.97
N GLU D 9 30.50 19.49 12.93
CA GLU D 9 29.72 19.27 11.70
C GLU D 9 30.39 18.28 10.75
N VAL D 10 31.72 18.31 10.72
CA VAL D 10 32.51 17.35 9.94
C VAL D 10 32.51 15.98 10.63
N LEU D 11 32.46 16.00 11.97
CA LEU D 11 32.34 14.80 12.78
C LEU D 11 30.97 14.16 12.61
N GLU D 12 29.94 14.98 12.46
CA GLU D 12 28.58 14.54 12.22
C GLU D 12 28.49 13.73 10.92
N GLU D 13 29.12 14.24 9.87
CA GLU D 13 29.12 13.58 8.56
C GLU D 13 30.04 12.37 8.51
N LEU D 14 31.06 12.36 9.36
CA LEU D 14 31.96 11.21 9.49
C LEU D 14 31.21 10.05 10.11
N GLU D 15 30.48 10.36 11.19
CA GLU D 15 29.63 9.42 11.89
C GLU D 15 28.62 8.74 10.95
N MET D 16 27.94 9.54 10.14
CA MET D 16 26.96 9.00 9.20
C MET D 16 27.61 8.16 8.11
N ALA D 17 28.81 8.53 7.66
CA ALA D 17 29.53 7.74 6.65
C ALA D 17 29.99 6.39 7.21
N LEU D 18 30.42 6.38 8.47
CA LEU D 18 30.87 5.18 9.14
C LEU D 18 29.71 4.21 9.38
N LEU D 19 28.61 4.70 9.93
CA LEU D 19 27.45 3.86 10.12
C LEU D 19 26.87 3.33 8.81
N ALA D 20 26.88 4.16 7.75
CA ALA D 20 26.48 3.76 6.40
C ALA D 20 27.41 2.73 5.75
N ALA D 21 28.67 2.78 6.16
CA ALA D 21 29.65 1.77 5.78
C ALA D 21 29.52 0.47 6.56
N ASP D 22 28.53 0.37 7.44
CA ASP D 22 28.29 -0.84 8.24
C ASP D 22 29.31 -1.07 9.38
N VAL D 23 30.01 -0.01 9.77
CA VAL D 23 31.04 -0.11 10.82
C VAL D 23 30.42 -0.41 12.20
N GLY D 24 29.14 -0.07 12.39
CA GLY D 24 28.44 -0.32 13.63
C GLY D 24 28.66 0.75 14.68
N LEU D 25 27.71 0.87 15.60
CA LEU D 25 27.72 1.90 16.62
C LEU D 25 28.87 1.85 17.62
N SER D 26 29.20 0.65 18.08
CA SER D 26 30.32 0.47 18.98
C SER D 26 31.62 1.06 18.44
N ALA D 27 32.10 0.53 17.31
CA ALA D 27 33.36 0.98 16.70
C ALA D 27 33.31 2.44 16.28
N THR D 28 32.19 2.87 15.73
CA THR D 28 31.99 4.25 15.35
C THR D 28 32.15 5.23 16.55
N GLU D 29 31.49 4.93 17.66
CA GLU D 29 31.58 5.74 18.86
C GLU D 29 33.03 5.85 19.36
N GLU D 30 33.76 4.73 19.34
CA GLU D 30 35.15 4.68 19.79
C GLU D 30 36.08 5.52 18.90
N ILE D 31 35.82 5.49 17.60
CA ILE D 31 36.59 6.22 16.62
C ILE D 31 36.33 7.72 16.74
N LEU D 32 35.06 8.13 16.78
CA LEU D 32 34.69 9.53 16.87
C LEU D 32 35.27 10.18 18.12
N GLN D 33 35.23 9.43 19.22
CA GLN D 33 35.78 9.92 20.49
C GLN D 33 37.29 10.16 20.40
N GLU D 34 38.03 9.17 19.91
CA GLU D 34 39.49 9.27 19.82
C GLU D 34 39.92 10.38 18.87
N VAL D 35 39.17 10.54 17.79
CA VAL D 35 39.44 11.59 16.82
C VAL D 35 39.19 12.98 17.43
N ARG D 36 38.13 13.11 18.24
CA ARG D 36 37.87 14.34 18.98
C ARG D 36 38.98 14.63 20.00
N ALA D 37 39.25 13.65 20.86
CA ALA D 37 40.22 13.73 21.95
C ALA D 37 41.63 14.09 21.50
N SER D 38 41.95 13.79 20.24
CA SER D 38 43.26 14.12 19.67
C SER D 38 43.42 15.61 19.36
N GLY D 39 42.31 16.30 19.12
CA GLY D 39 42.33 17.69 18.66
C GLY D 39 43.14 17.89 17.39
N ARG D 40 43.25 16.83 16.58
CA ARG D 40 44.02 16.85 15.34
C ARG D 40 43.37 17.73 14.29
N LYS D 41 44.21 18.28 13.41
CA LYS D 41 43.79 19.28 12.45
C LYS D 41 42.77 18.77 11.45
N ASP D 42 43.17 17.82 10.61
CA ASP D 42 42.16 17.16 9.78
C ASP D 42 41.77 15.79 10.30
N LEU D 43 40.46 15.65 10.45
CA LEU D 43 39.85 14.53 11.09
C LEU D 43 39.82 13.33 10.15
N LYS D 44 39.59 13.56 8.86
CA LYS D 44 39.62 12.47 7.86
C LYS D 44 40.97 11.76 7.75
N GLU D 45 42.08 12.47 7.96
CA GLU D 45 43.41 11.80 8.02
C GLU D 45 43.60 11.08 9.35
N ALA D 46 43.09 11.67 10.43
CA ALA D 46 43.13 11.05 11.76
C ALA D 46 42.32 9.76 11.78
N VAL D 47 41.17 9.76 11.12
CA VAL D 47 40.29 8.59 11.01
C VAL D 47 40.98 7.46 10.25
N LYS D 48 41.51 7.79 9.07
CA LYS D 48 42.32 6.88 8.26
C LYS D 48 43.31 6.06 9.07
N GLU D 49 44.15 6.75 9.85
CA GLU D 49 45.19 6.09 10.63
C GLU D 49 44.61 5.13 11.66
N LYS D 50 43.58 5.57 12.37
CA LYS D 50 42.90 4.76 13.37
C LYS D 50 42.29 3.50 12.74
N LEU D 51 41.65 3.65 11.58
CA LEU D 51 41.00 2.55 10.88
C LEU D 51 41.99 1.52 10.33
N VAL D 52 43.06 1.99 9.68
CA VAL D 52 44.11 1.10 9.17
C VAL D 52 44.78 0.36 10.33
N GLY D 53 44.81 1.00 11.50
CA GLY D 53 45.36 0.39 12.72
C GLY D 53 44.49 -0.74 13.25
N MET D 54 43.19 -0.52 13.27
CA MET D 54 42.25 -1.55 13.67
C MET D 54 42.27 -2.75 12.71
N LEU D 55 42.71 -2.52 11.46
CA LEU D 55 42.72 -3.55 10.41
C LEU D 55 44.10 -4.21 10.27
N GLU D 56 45.01 -3.83 11.14
CA GLU D 56 46.31 -4.51 11.27
C GLU D 56 46.56 -4.86 12.74
N PRO D 57 46.13 -6.08 13.15
CA PRO D 57 46.13 -6.51 14.56
C PRO D 57 47.43 -7.18 15.02
N PRO D 76 52.54 -11.56 -2.42
CA PRO D 76 51.49 -12.58 -2.53
C PRO D 76 51.24 -13.32 -1.21
N VAL D 77 49.98 -13.61 -0.93
CA VAL D 77 49.56 -14.32 0.28
C VAL D 77 50.06 -15.78 0.26
N GLU D 78 50.80 -16.16 1.31
CA GLU D 78 51.36 -17.52 1.43
C GLU D 78 50.67 -18.38 2.50
N PRO D 79 49.97 -19.43 2.06
CA PRO D 79 49.30 -20.34 3.00
C PRO D 79 50.32 -21.06 3.90
N LYS D 80 50.06 -21.08 5.20
CA LYS D 80 51.00 -21.68 6.15
C LYS D 80 51.22 -23.18 6.00
N GLY D 81 50.33 -23.85 5.28
CA GLY D 81 50.49 -25.30 5.03
C GLY D 81 49.88 -25.74 3.72
N ARG D 82 49.56 -27.02 3.63
CA ARG D 82 49.01 -27.59 2.38
C ARG D 82 47.49 -27.67 2.30
N VAL D 83 46.80 -27.48 3.42
CA VAL D 83 45.34 -27.59 3.43
C VAL D 83 44.76 -26.32 3.98
N VAL D 84 43.74 -25.81 3.26
CA VAL D 84 42.98 -24.63 3.62
C VAL D 84 41.50 -25.01 3.78
N LEU D 85 40.97 -24.81 4.98
CA LEU D 85 39.57 -25.09 5.24
C LEU D 85 38.77 -23.80 5.13
N VAL D 86 37.77 -23.81 4.25
CA VAL D 86 36.96 -22.62 3.94
C VAL D 86 35.55 -22.79 4.52
N VAL D 87 35.16 -21.84 5.36
CA VAL D 87 33.94 -21.91 6.17
C VAL D 87 33.17 -20.60 6.08
N GLY D 88 31.89 -20.64 6.43
CA GLY D 88 31.03 -19.47 6.41
C GLY D 88 29.57 -19.87 6.28
N VAL D 89 28.69 -18.89 6.50
CA VAL D 89 27.25 -19.14 6.47
C VAL D 89 26.77 -19.29 5.02
N ASN D 90 25.50 -19.64 4.85
CA ASN D 90 24.94 -19.91 3.53
C ASN D 90 24.99 -18.72 2.58
N GLY D 91 25.56 -18.94 1.41
CA GLY D 91 25.49 -18.00 0.28
C GLY D 91 26.55 -16.92 0.27
N VAL D 92 27.51 -17.00 1.19
CA VAL D 92 28.50 -15.89 1.30
C VAL D 92 29.54 -15.83 0.17
N GLY D 93 29.79 -16.96 -0.50
CA GLY D 93 30.75 -16.98 -1.61
C GLY D 93 31.87 -18.00 -1.44
N LYS D 94 31.69 -18.96 -0.53
CA LYS D 94 32.70 -19.99 -0.31
C LYS D 94 33.15 -20.74 -1.55
N THR D 95 32.23 -21.32 -2.29
CA THR D 95 32.56 -22.20 -3.44
C THR D 95 33.24 -21.43 -4.58
N THR D 96 32.71 -20.24 -4.87
CA THR D 96 33.29 -19.31 -5.85
C THR D 96 34.68 -18.80 -5.41
N THR D 97 34.81 -18.45 -4.14
CA THR D 97 36.10 -18.03 -3.58
C THR D 97 37.19 -19.09 -3.76
N ILE D 98 36.83 -20.34 -3.54
CA ILE D 98 37.78 -21.44 -3.74
C ILE D 98 38.24 -21.53 -5.20
N ALA D 99 37.31 -21.38 -6.16
CA ALA D 99 37.70 -21.32 -7.57
C ALA D 99 38.73 -20.21 -7.82
N LYS D 100 38.54 -19.08 -7.19
CA LYS D 100 39.43 -17.92 -7.35
C LYS D 100 40.81 -18.17 -6.72
N LEU D 101 40.80 -18.84 -5.58
CA LEU D 101 42.03 -19.16 -4.89
C LEU D 101 42.85 -20.12 -5.74
N GLY D 102 42.16 -21.03 -6.41
CA GLY D 102 42.82 -22.01 -7.25
C GLY D 102 43.50 -21.31 -8.42
N ARG D 103 42.78 -20.39 -9.06
CA ARG D 103 43.34 -19.58 -10.13
C ARG D 103 44.52 -18.73 -9.64
N TYR D 104 44.36 -18.09 -8.48
CA TYR D 104 45.40 -17.25 -7.88
C TYR D 104 46.68 -18.02 -7.61
N TYR D 105 46.55 -19.23 -7.06
CA TYR D 105 47.73 -20.02 -6.74
C TYR D 105 48.32 -20.79 -7.91
N GLN D 106 47.49 -21.31 -8.81
CA GLN D 106 48.02 -21.99 -9.98
C GLN D 106 48.86 -21.01 -10.84
N ASN D 107 48.40 -19.75 -10.91
CA ASN D 107 49.13 -18.62 -11.51
C ASN D 107 50.52 -18.43 -10.91
N LEU D 108 50.67 -18.81 -9.66
CA LEU D 108 51.92 -18.67 -8.93
C LEU D 108 52.76 -19.95 -8.99
N GLY D 109 52.40 -20.86 -9.89
CA GLY D 109 53.16 -22.10 -10.08
C GLY D 109 52.80 -23.28 -9.19
N LYS D 110 51.83 -23.09 -8.30
CA LYS D 110 51.43 -24.13 -7.33
C LYS D 110 50.54 -25.19 -7.97
N LYS D 111 50.68 -26.42 -7.48
CA LYS D 111 49.85 -27.53 -7.91
C LYS D 111 48.66 -27.66 -6.94
N VAL D 112 47.48 -27.40 -7.45
CA VAL D 112 46.26 -27.19 -6.62
C VAL D 112 45.20 -28.28 -6.84
N MET D 113 44.58 -28.73 -5.74
CA MET D 113 43.35 -29.52 -5.87
C MET D 113 42.22 -29.02 -4.95
N PHE D 114 40.98 -29.33 -5.31
CA PHE D 114 39.82 -28.90 -4.52
C PHE D 114 39.20 -30.13 -3.86
N CYS D 115 38.63 -29.98 -2.66
CA CYS D 115 37.73 -31.02 -2.12
C CYS D 115 36.33 -30.40 -2.05
N ALA D 116 35.37 -31.01 -2.74
CA ALA D 116 33.98 -30.56 -2.72
C ALA D 116 33.29 -31.06 -1.47
N GLY D 117 33.58 -30.42 -0.35
CA GLY D 117 33.15 -30.89 0.97
C GLY D 117 31.71 -30.54 1.27
N ASP D 118 31.07 -29.75 0.39
CA ASP D 118 29.63 -29.57 0.53
C ASP D 118 28.94 -30.75 -0.13
N THR D 119 28.66 -31.78 0.67
CA THR D 119 27.92 -32.95 0.22
C THR D 119 26.46 -32.88 0.68
N PHE D 120 26.06 -31.71 1.17
CA PHE D 120 24.72 -31.51 1.71
C PHE D 120 23.73 -30.79 0.77
N ARG D 121 24.13 -29.65 0.22
CA ARG D 121 23.20 -28.83 -0.57
C ARG D 121 23.18 -29.34 -2.01
N ALA D 122 21.99 -29.33 -2.62
CA ALA D 122 21.79 -29.64 -4.05
C ALA D 122 22.85 -29.00 -4.93
N ALA D 123 23.51 -29.84 -5.73
CA ALA D 123 24.60 -29.46 -6.65
C ALA D 123 25.79 -28.75 -6.01
N GLY D 124 25.98 -28.97 -4.72
CA GLY D 124 27.04 -28.29 -3.97
C GLY D 124 28.46 -28.73 -4.36
N GLY D 125 28.55 -29.97 -4.84
CA GLY D 125 29.80 -30.56 -5.33
C GLY D 125 30.00 -30.33 -6.81
N THR D 126 28.94 -30.58 -7.60
CA THR D 126 28.95 -30.30 -9.04
C THR D 126 29.37 -28.87 -9.36
N GLN D 127 28.91 -27.93 -8.56
CA GLN D 127 29.24 -26.53 -8.76
C GLN D 127 30.75 -26.33 -8.71
N LEU D 128 31.40 -26.87 -7.68
CA LEU D 128 32.85 -26.83 -7.56
C LEU D 128 33.57 -27.65 -8.64
N SER D 129 33.01 -28.81 -8.97
CA SER D 129 33.54 -29.63 -10.05
C SER D 129 33.57 -28.87 -11.39
N GLU D 130 32.50 -28.13 -11.71
CA GLU D 130 32.48 -27.30 -12.92
C GLU D 130 33.61 -26.26 -12.94
N TRP D 131 33.90 -25.68 -11.79
CA TRP D 131 34.98 -24.68 -11.68
C TRP D 131 36.34 -25.31 -11.88
N GLY D 132 36.50 -26.50 -11.33
CA GLY D 132 37.69 -27.33 -11.52
C GLY D 132 37.93 -27.67 -12.98
N LYS D 133 36.87 -28.07 -13.68
CA LYS D 133 36.99 -28.38 -15.09
C LYS D 133 37.47 -27.16 -15.87
N ARG D 134 36.84 -26.01 -15.62
CA ARG D 134 37.24 -24.76 -16.26
C ARG D 134 38.70 -24.38 -15.99
N LEU D 135 39.17 -24.65 -14.79
CA LEU D 135 40.50 -24.20 -14.38
C LEU D 135 41.56 -25.29 -14.50
N SER D 136 41.16 -26.46 -15.01
CA SER D 136 42.01 -27.65 -15.02
C SER D 136 42.60 -27.92 -13.64
N ILE D 137 41.71 -27.95 -12.64
CA ILE D 137 42.08 -28.30 -11.28
C ILE D 137 41.29 -29.55 -10.85
N PRO D 138 41.98 -30.60 -10.35
CA PRO D 138 41.25 -31.80 -9.94
C PRO D 138 40.37 -31.51 -8.72
N VAL D 139 39.16 -32.08 -8.72
CA VAL D 139 38.17 -31.88 -7.65
C VAL D 139 37.73 -33.22 -7.08
N ILE D 140 37.95 -33.41 -5.79
CA ILE D 140 37.51 -34.61 -5.08
C ILE D 140 36.04 -34.36 -4.66
N GLN D 141 35.14 -35.19 -5.18
CA GLN D 141 33.69 -35.10 -5.02
C GLN D 141 33.16 -36.43 -4.53
N GLY D 142 32.02 -36.41 -3.83
CA GLY D 142 31.28 -37.66 -3.59
C GLY D 142 29.77 -37.51 -3.82
N PRO D 143 29.01 -38.63 -3.72
CA PRO D 143 27.54 -38.54 -3.75
C PRO D 143 26.95 -37.67 -2.65
N GLU D 144 25.80 -37.07 -2.95
CA GLU D 144 25.10 -36.26 -1.97
C GLU D 144 24.92 -37.11 -0.75
N GLY D 145 25.19 -36.55 0.43
CA GLY D 145 25.01 -37.30 1.68
C GLY D 145 26.26 -38.01 2.18
N THR D 146 27.29 -38.10 1.34
CA THR D 146 28.62 -38.58 1.75
C THR D 146 29.08 -37.84 3.00
N ASP D 147 29.72 -38.56 3.93
CA ASP D 147 30.30 -37.98 5.13
C ASP D 147 31.41 -37.03 4.70
N PRO D 148 31.24 -35.72 4.99
CA PRO D 148 32.21 -34.73 4.52
C PRO D 148 33.57 -34.89 5.20
N ALA D 149 33.59 -35.36 6.45
CA ALA D 149 34.89 -35.58 7.13
C ALA D 149 35.68 -36.69 6.43
N ALA D 150 34.99 -37.78 6.09
CA ALA D 150 35.57 -38.90 5.38
C ALA D 150 36.05 -38.49 3.99
N LEU D 151 35.25 -37.68 3.31
CA LEU D 151 35.66 -37.14 2.01
C LEU D 151 36.90 -36.26 2.13
N ALA D 152 36.94 -35.37 3.12
CA ALA D 152 38.12 -34.53 3.33
C ALA D 152 39.39 -35.36 3.66
N TYR D 153 39.25 -36.34 4.54
CA TYR D 153 40.34 -37.29 4.79
C TYR D 153 40.93 -37.88 3.50
N ASP D 154 40.06 -38.43 2.65
CA ASP D 154 40.47 -39.00 1.38
C ASP D 154 41.06 -37.96 0.40
N ALA D 155 40.50 -36.75 0.40
CA ALA D 155 41.07 -35.66 -0.42
C ALA D 155 42.50 -35.31 -0.03
N VAL D 156 42.78 -35.22 1.27
CA VAL D 156 44.12 -34.93 1.78
C VAL D 156 45.10 -36.03 1.34
N GLN D 157 44.65 -37.28 1.41
CA GLN D 157 45.43 -38.44 0.94
C GLN D 157 45.69 -38.38 -0.56
N ALA D 158 44.67 -38.02 -1.33
CA ALA D 158 44.79 -37.91 -2.79
C ALA D 158 45.79 -36.79 -3.12
N MET D 159 45.72 -35.70 -2.38
CA MET D 159 46.66 -34.59 -2.54
C MET D 159 48.10 -35.05 -2.28
N LYS D 160 48.31 -35.71 -1.15
CA LYS D 160 49.62 -36.22 -0.76
C LYS D 160 50.17 -37.21 -1.80
N ALA D 161 49.29 -38.10 -2.25
CA ALA D 161 49.62 -39.11 -3.27
C ALA D 161 50.02 -38.52 -4.63
N ARG D 162 49.63 -37.27 -4.88
CA ARG D 162 49.92 -36.59 -6.13
C ARG D 162 51.13 -35.66 -5.98
N GLY D 163 51.49 -35.35 -4.75
CA GLY D 163 52.57 -34.40 -4.47
C GLY D 163 52.18 -32.98 -4.81
N TYR D 164 50.91 -32.66 -4.60
CA TYR D 164 50.42 -31.32 -4.89
C TYR D 164 50.74 -30.40 -3.72
N ASP D 165 50.63 -29.09 -3.94
CA ASP D 165 51.01 -28.09 -2.96
C ASP D 165 49.88 -27.65 -2.03
N LEU D 166 48.66 -27.61 -2.55
CA LEU D 166 47.56 -26.99 -1.81
C LEU D 166 46.27 -27.72 -2.09
N LEU D 167 45.51 -27.97 -1.03
CA LEU D 167 44.17 -28.51 -1.16
C LEU D 167 43.21 -27.52 -0.50
N PHE D 168 42.21 -27.06 -1.24
CA PHE D 168 41.19 -26.20 -0.65
C PHE D 168 39.95 -27.05 -0.38
N VAL D 169 39.52 -27.07 0.88
CA VAL D 169 38.39 -27.90 1.29
C VAL D 169 37.16 -26.99 1.43
N ASP D 170 36.18 -27.19 0.54
CA ASP D 170 34.91 -26.48 0.59
C ASP D 170 34.06 -27.11 1.68
N THR D 171 33.17 -26.33 2.28
CA THR D 171 32.25 -26.85 3.26
C THR D 171 30.85 -26.41 2.93
N ALA D 172 29.85 -27.14 3.40
CA ALA D 172 28.48 -26.67 3.25
C ALA D 172 28.26 -25.37 4.02
N GLY D 173 27.44 -24.47 3.48
CA GLY D 173 26.98 -23.33 4.25
C GLY D 173 26.24 -23.79 5.50
N ARG D 174 26.36 -23.03 6.57
CA ARG D 174 25.68 -23.34 7.83
C ARG D 174 25.55 -22.04 8.60
N LEU D 175 24.42 -21.84 9.26
CA LEU D 175 24.31 -20.68 10.11
C LEU D 175 25.05 -20.98 11.42
N HIS D 176 25.70 -19.95 11.94
CA HIS D 176 26.48 -20.04 13.15
C HIS D 176 25.63 -20.37 14.39
N THR D 177 24.32 -20.23 14.27
CA THR D 177 23.35 -20.56 15.33
C THR D 177 22.96 -22.04 15.35
N LYS D 178 23.45 -22.80 14.40
CA LYS D 178 23.09 -24.20 14.28
C LYS D 178 24.20 -25.06 14.87
N HIS D 179 24.06 -25.33 16.17
CA HIS D 179 25.11 -25.93 16.97
C HIS D 179 25.56 -27.31 16.48
N ASN D 180 24.63 -28.14 15.99
CA ASN D 180 25.00 -29.44 15.41
C ASN D 180 25.86 -29.29 14.15
N LEU D 181 25.55 -28.29 13.34
CA LEU D 181 26.31 -28.04 12.10
C LEU D 181 27.71 -27.55 12.39
N MET D 182 27.87 -26.76 13.45
CA MET D 182 29.18 -26.30 13.86
C MET D 182 30.03 -27.45 14.39
N GLU D 183 29.38 -28.41 15.05
CA GLU D 183 30.03 -29.64 15.47
C GLU D 183 30.45 -30.48 14.26
N GLU D 184 29.60 -30.55 13.23
CA GLU D 184 29.97 -31.24 12.00
C GLU D 184 31.25 -30.64 11.40
N LEU D 185 31.33 -29.31 11.39
CA LEU D 185 32.50 -28.60 10.92
C LEU D 185 33.77 -28.98 11.71
N LYS D 186 33.62 -29.15 13.02
CA LYS D 186 34.73 -29.66 13.84
C LYS D 186 35.24 -31.04 13.42
N LYS D 187 34.34 -31.96 13.08
CA LYS D 187 34.76 -33.30 12.65
C LYS D 187 35.51 -33.25 11.34
N VAL D 188 35.08 -32.36 10.44
CA VAL D 188 35.80 -32.22 9.18
C VAL D 188 37.25 -31.82 9.50
N LYS D 189 37.42 -30.86 10.40
CA LYS D 189 38.74 -30.40 10.78
C LYS D 189 39.57 -31.55 11.38
N ARG D 190 38.97 -32.32 12.28
CA ARG D 190 39.66 -33.46 12.90
C ARG D 190 40.07 -34.53 11.91
N ALA D 191 39.24 -34.76 10.89
CA ALA D 191 39.53 -35.73 9.85
C ALA D 191 40.73 -35.34 9.01
N ILE D 192 40.82 -34.04 8.71
CA ILE D 192 42.00 -33.52 8.00
C ILE D 192 43.28 -33.78 8.81
N ALA D 193 43.22 -33.50 10.11
CA ALA D 193 44.36 -33.70 11.02
C ALA D 193 44.76 -35.16 11.21
N LYS D 194 43.78 -36.06 11.16
CA LYS D 194 44.05 -37.51 11.15
C LYS D 194 44.83 -37.91 9.90
N ALA D 195 44.68 -37.16 8.81
CA ALA D 195 45.39 -37.48 7.55
C ALA D 195 46.75 -36.80 7.42
N ASP D 196 46.85 -35.57 7.94
CA ASP D 196 48.10 -34.84 8.01
C ASP D 196 48.07 -34.08 9.32
N PRO D 197 48.77 -34.61 10.33
CA PRO D 197 48.81 -34.13 11.72
C PRO D 197 48.91 -32.63 11.89
N GLU D 198 49.59 -31.95 10.98
CA GLU D 198 49.77 -30.50 11.11
C GLU D 198 48.63 -29.68 10.50
N GLU D 199 47.71 -30.35 9.81
CA GLU D 199 46.73 -29.67 8.93
C GLU D 199 45.31 -29.60 9.53
N PRO D 200 44.48 -28.62 9.12
CA PRO D 200 44.74 -27.53 8.18
C PRO D 200 45.41 -26.34 8.86
N LYS D 201 46.53 -25.90 8.29
CA LYS D 201 47.26 -24.74 8.81
C LYS D 201 46.55 -23.42 8.49
N GLU D 202 45.49 -23.49 7.67
CA GLU D 202 44.64 -22.33 7.43
C GLU D 202 43.17 -22.68 7.56
N VAL D 203 42.41 -21.84 8.26
CA VAL D 203 40.96 -21.93 8.30
C VAL D 203 40.48 -20.51 7.99
N TRP D 204 39.84 -20.37 6.84
CA TRP D 204 39.46 -19.05 6.35
C TRP D 204 37.96 -18.86 6.32
N LEU D 205 37.49 -17.81 6.99
CA LEU D 205 36.08 -17.50 7.01
C LEU D 205 35.72 -16.61 5.82
N VAL D 206 34.66 -16.97 5.13
CA VAL D 206 34.17 -16.11 4.06
C VAL D 206 33.00 -15.29 4.60
N LEU D 207 33.09 -13.98 4.39
CA LEU D 207 32.05 -13.06 4.80
C LEU D 207 31.59 -12.22 3.59
N ASP D 208 30.30 -11.98 3.48
CA ASP D 208 29.68 -11.24 2.37
C ASP D 208 29.68 -9.73 2.75
N ALA D 209 30.31 -8.88 1.94
CA ALA D 209 30.38 -7.41 2.22
C ALA D 209 29.06 -6.71 2.53
N VAL D 210 27.96 -7.25 2.02
CA VAL D 210 26.65 -6.66 2.28
C VAL D 210 26.14 -6.88 3.71
N THR D 211 26.72 -7.83 4.45
CA THR D 211 26.28 -8.20 5.79
C THR D 211 26.40 -7.02 6.77
N GLY D 212 25.38 -6.83 7.58
CA GLY D 212 25.42 -5.87 8.68
C GLY D 212 26.10 -6.43 9.91
N GLN D 213 25.59 -6.06 11.07
CA GLN D 213 26.27 -6.32 12.34
C GLN D 213 26.29 -7.78 12.73
N ASN D 214 25.44 -8.60 12.10
CA ASN D 214 25.46 -10.06 12.32
C ASN D 214 26.80 -10.70 11.92
N GLY D 215 27.55 -10.04 11.03
CA GLY D 215 28.89 -10.52 10.61
C GLY D 215 29.87 -10.68 11.76
N LEU D 216 29.73 -9.85 12.80
CA LEU D 216 30.57 -9.99 14.00
C LEU D 216 30.25 -11.30 14.73
N GLU D 217 28.96 -11.60 14.90
CA GLU D 217 28.55 -12.85 15.53
C GLU D 217 28.94 -14.10 14.73
N GLN D 218 28.84 -14.04 13.42
CA GLN D 218 29.36 -15.10 12.55
C GLN D 218 30.84 -15.39 12.78
N ALA D 219 31.66 -14.35 12.72
CA ALA D 219 33.08 -14.50 12.95
C ALA D 219 33.42 -15.05 14.35
N LYS D 220 32.78 -14.52 15.39
CA LYS D 220 32.99 -14.97 16.77
C LYS D 220 32.70 -16.45 16.90
N LYS D 221 31.55 -16.86 16.35
CA LYS D 221 31.13 -18.28 16.45
C LYS D 221 31.97 -19.25 15.63
N PHE D 222 32.29 -18.90 14.39
CA PHE D 222 33.19 -19.74 13.60
C PHE D 222 34.59 -19.82 14.24
N HIS D 223 35.10 -18.68 14.74
CA HIS D 223 36.39 -18.65 15.41
C HIS D 223 36.40 -19.57 16.64
N GLU D 224 35.36 -19.44 17.48
CA GLU D 224 35.18 -20.34 18.64
C GLU D 224 35.13 -21.83 18.26
N ALA D 225 34.45 -22.15 17.15
CA ALA D 225 34.34 -23.54 16.70
C ALA D 225 35.62 -24.12 16.12
N VAL D 226 36.26 -23.40 15.21
CA VAL D 226 37.33 -24.02 14.41
C VAL D 226 38.65 -23.27 14.36
N GLY D 227 38.72 -22.11 14.99
CA GLY D 227 39.98 -21.35 15.03
C GLY D 227 40.41 -20.73 13.71
N LEU D 228 39.95 -19.52 13.47
CA LEU D 228 40.17 -18.86 12.18
C LEU D 228 41.59 -18.36 12.10
N THR D 229 42.19 -18.54 10.94
CA THR D 229 43.50 -17.96 10.68
C THR D 229 43.43 -16.80 9.67
N GLY D 230 42.23 -16.55 9.13
CA GLY D 230 42.05 -15.47 8.15
C GLY D 230 40.61 -15.26 7.76
N VAL D 231 40.34 -14.10 7.13
CA VAL D 231 39.02 -13.76 6.59
C VAL D 231 39.14 -13.32 5.12
N ILE D 232 38.17 -13.71 4.29
CA ILE D 232 38.03 -13.22 2.91
C ILE D 232 36.68 -12.52 2.83
N VAL D 233 36.65 -11.24 2.44
CA VAL D 233 35.39 -10.53 2.29
C VAL D 233 35.01 -10.54 0.79
N THR D 234 33.81 -10.99 0.48
CA THR D 234 33.39 -11.11 -0.92
C THR D 234 32.35 -10.05 -1.30
N LYS D 235 32.03 -9.96 -2.60
CA LYS D 235 30.99 -9.05 -3.15
C LYS D 235 31.30 -7.58 -2.82
N LEU D 236 32.59 -7.28 -2.74
CA LEU D 236 33.03 -5.92 -2.47
C LEU D 236 32.96 -5.06 -3.74
N ASP D 237 32.63 -5.69 -4.87
CA ASP D 237 32.33 -4.98 -6.13
C ASP D 237 30.97 -4.31 -6.08
N GLY D 238 30.20 -4.61 -5.05
CA GLY D 238 28.90 -4.00 -4.84
C GLY D 238 29.04 -2.65 -4.17
N THR D 239 27.92 -2.06 -3.78
CA THR D 239 27.94 -0.73 -3.18
C THR D 239 28.32 -0.79 -1.70
N ALA D 240 28.23 -1.98 -1.09
CA ALA D 240 28.56 -2.16 0.33
C ALA D 240 30.05 -1.94 0.59
N LYS D 241 30.37 -1.42 1.77
CA LYS D 241 31.76 -1.09 2.13
C LYS D 241 32.48 -2.20 2.88
N GLY D 242 31.71 -3.16 3.41
CA GLY D 242 32.30 -4.25 4.18
C GLY D 242 32.81 -3.77 5.52
N GLY D 243 32.15 -2.75 6.08
CA GLY D 243 32.58 -2.09 7.33
C GLY D 243 32.58 -2.95 8.59
N VAL D 244 31.80 -4.02 8.61
CA VAL D 244 31.77 -4.91 9.79
C VAL D 244 33.13 -5.60 10.05
N LEU D 245 34.01 -5.57 9.06
CA LEU D 245 35.39 -6.00 9.24
C LEU D 245 36.09 -5.28 10.40
N ILE D 246 35.73 -4.01 10.59
CA ILE D 246 36.38 -3.18 11.61
C ILE D 246 36.18 -3.75 13.03
N PRO D 247 34.93 -3.94 13.50
CA PRO D 247 34.76 -4.60 14.79
C PRO D 247 35.18 -6.08 14.87
N ILE D 248 35.16 -6.82 13.75
CA ILE D 248 35.65 -8.22 13.70
C ILE D 248 37.16 -8.28 13.97
N VAL D 249 37.93 -7.50 13.22
CA VAL D 249 39.38 -7.49 13.35
C VAL D 249 39.75 -6.91 14.72
N ARG D 250 39.06 -5.87 15.14
CA ARG D 250 39.24 -5.28 16.48
C ARG D 250 39.06 -6.32 17.59
N THR D 251 38.00 -7.13 17.50
CA THR D 251 37.60 -8.10 18.52
C THR D 251 38.41 -9.40 18.48
N LEU D 252 38.61 -9.92 17.28
CA LEU D 252 39.16 -11.27 17.08
C LEU D 252 40.65 -11.28 16.70
N LYS D 253 41.14 -10.19 16.14
CA LYS D 253 42.54 -10.10 15.74
C LYS D 253 42.85 -11.08 14.59
N VAL D 254 41.83 -11.43 13.80
CA VAL D 254 41.99 -12.31 12.64
C VAL D 254 42.34 -11.41 11.46
N PRO D 255 43.41 -11.74 10.71
CA PRO D 255 43.80 -10.92 9.55
C PRO D 255 42.87 -11.11 8.33
N ILE D 256 42.65 -10.05 7.56
CA ILE D 256 41.91 -10.11 6.30
C ILE D 256 42.89 -10.49 5.18
N LYS D 257 42.61 -11.59 4.48
CA LYS D 257 43.54 -12.16 3.52
C LYS D 257 43.32 -11.62 2.09
N PHE D 258 42.07 -11.72 1.61
CA PHE D 258 41.73 -11.41 0.22
C PHE D 258 40.41 -10.68 0.22
N VAL D 259 40.11 -10.01 -0.88
CA VAL D 259 38.79 -9.46 -1.14
C VAL D 259 38.28 -10.05 -2.48
N GLY D 260 36.99 -10.37 -2.56
CA GLY D 260 36.44 -10.87 -3.80
C GLY D 260 35.72 -9.72 -4.48
N VAL D 261 35.98 -9.54 -5.78
CA VAL D 261 35.49 -8.37 -6.50
C VAL D 261 34.73 -8.73 -7.77
N GLY D 262 34.12 -9.92 -7.81
CA GLY D 262 33.30 -10.29 -8.96
C GLY D 262 33.03 -11.79 -8.99
N GLU D 263 32.51 -12.27 -10.11
CA GLU D 263 32.09 -13.68 -10.22
C GLU D 263 32.93 -14.54 -11.16
N GLY D 264 34.01 -13.97 -11.69
CA GLY D 264 34.96 -14.72 -12.53
C GLY D 264 36.16 -15.17 -11.73
N PRO D 265 36.99 -16.04 -12.32
CA PRO D 265 38.13 -16.68 -11.66
C PRO D 265 39.24 -15.71 -11.23
N ASP D 266 39.33 -14.57 -11.90
CA ASP D 266 40.40 -13.61 -11.64
C ASP D 266 39.99 -12.49 -10.68
N ASP D 267 38.76 -12.54 -10.17
CA ASP D 267 38.18 -11.44 -9.42
C ASP D 267 38.48 -11.54 -7.91
N LEU D 268 39.77 -11.62 -7.59
CA LEU D 268 40.26 -11.80 -6.24
C LEU D 268 41.48 -10.90 -6.07
N GLN D 269 41.54 -10.16 -4.97
CA GLN D 269 42.67 -9.27 -4.72
C GLN D 269 43.19 -9.48 -3.31
N PRO D 270 44.52 -9.56 -3.14
CA PRO D 270 45.01 -9.52 -1.76
C PRO D 270 44.48 -8.28 -1.07
N PHE D 271 44.25 -8.38 0.24
CA PHE D 271 43.64 -7.29 0.96
C PHE D 271 44.65 -6.17 1.25
N ASP D 272 44.22 -4.95 0.96
CA ASP D 272 45.04 -3.75 1.11
C ASP D 272 44.35 -2.75 2.05
N PRO D 273 44.80 -2.68 3.32
CA PRO D 273 44.16 -1.89 4.39
C PRO D 273 43.90 -0.44 3.98
N GLU D 274 44.88 0.18 3.34
CA GLU D 274 44.82 1.59 2.97
C GLU D 274 43.80 1.88 1.86
N ALA D 275 43.83 1.09 0.79
CA ALA D 275 42.81 1.18 -0.27
C ALA D 275 41.39 0.97 0.30
N PHE D 276 41.23 -0.08 1.09
CA PHE D 276 39.93 -0.40 1.71
C PHE D 276 39.36 0.75 2.54
N VAL D 277 40.20 1.35 3.38
CA VAL D 277 39.79 2.46 4.21
C VAL D 277 39.44 3.68 3.37
N GLU D 278 40.23 3.93 2.33
CA GLU D 278 39.93 4.98 1.37
C GLU D 278 38.56 4.73 0.71
N ALA D 279 38.39 3.53 0.13
CA ALA D 279 37.12 3.16 -0.49
C ALA D 279 35.96 3.22 0.49
N LEU D 280 36.25 2.95 1.76
CA LEU D 280 35.26 3.02 2.83
C LEU D 280 34.74 4.44 3.07
N LEU D 281 35.62 5.43 3.05
CA LEU D 281 35.27 6.81 3.40
C LEU D 281 34.94 7.74 2.22
N GLU D 282 34.56 7.16 1.08
CA GLU D 282 34.23 7.98 -0.11
C GLU D 282 32.91 8.75 0.03
C1 EDO E . -45.37 38.49 -18.14
O1 EDO E . -45.57 38.53 -19.56
C2 EDO E . -43.88 38.51 -17.82
O2 EDO E . -43.63 38.07 -16.47
C1 EDO F . -37.77 15.28 6.88
O1 EDO F . -38.36 14.16 6.23
C2 EDO F . -37.85 16.52 6.00
O2 EDO F . -36.63 16.72 5.25
I IOD G . -37.66 34.80 -18.68
I IOD H . -17.57 14.18 -18.14
I IOD I . -55.57 16.05 -4.62
I IOD J . -43.54 15.25 -4.15
I IOD K . 0.86 -3.17 -29.72
PG GNP L . -32.23 18.08 -1.31
O1G GNP L . -33.32 18.99 -1.83
O2G GNP L . -32.43 16.65 -1.68
O3G GNP L . -32.02 18.32 0.13
N3B GNP L . -30.80 18.62 -2.03
PB GNP L . -30.69 19.00 -3.67
O1B GNP L . -30.65 17.70 -4.41
O2B GNP L . -31.75 19.96 -4.09
O3A GNP L . -29.26 19.67 -3.80
PA GNP L . -28.85 21.24 -3.83
O1A GNP L . -29.33 21.89 -5.09
O2A GNP L . -29.21 21.75 -2.49
O5' GNP L . -27.28 21.02 -3.99
C5' GNP L . -26.47 20.37 -2.99
C4' GNP L . -25.11 21.08 -2.93
O4' GNP L . -24.36 20.70 -4.08
C3' GNP L . -25.28 22.59 -2.99
O3' GNP L . -24.21 23.01 -2.12
C2' GNP L . -24.84 23.05 -4.36
O2' GNP L . -24.22 24.30 -4.40
C1' GNP L . -24.08 21.84 -4.90
N9 GNP L . -24.12 21.49 -6.31
C8 GNP L . -25.17 21.16 -7.11
N7 GNP L . -24.76 20.86 -8.39
C5 GNP L . -23.42 20.99 -8.39
C6 GNP L . -22.29 20.84 -9.31
O6 GNP L . -22.48 20.52 -10.49
N1 GNP L . -21.06 21.08 -8.88
C2 GNP L . -20.74 21.45 -7.62
N2 GNP L . -19.44 21.65 -7.32
N3 GNP L . -21.66 21.65 -6.67
C4 GNP L . -23.04 21.37 -7.04
MG MG M . -33.43 20.63 -3.09
I IOD N . 4.99 2.91 34.04
I IOD O . -7.59 -14.57 -14.19
I IOD P . 22.14 6.14 15.35
I IOD Q . 2.23 -30.80 -8.76
I IOD R . 10.51 -13.10 12.14
I IOD S . -3.92 -18.63 -1.26
PG GNP T . 22.60 -17.01 -6.55
O1G GNP T . 21.66 -17.57 -7.57
O2G GNP T . 22.49 -15.51 -6.45
O3G GNP T . 24.00 -17.44 -6.81
N3B GNP T . 22.15 -17.64 -5.07
PB GNP T . 20.54 -17.76 -4.60
O1B GNP T . 20.01 -16.40 -4.24
O2B GNP T . 19.76 -18.57 -5.55
O3A GNP T . 20.59 -18.53 -3.19
PA GNP T . 20.55 -20.11 -2.94
O1A GNP T . 19.15 -20.62 -3.09
O2A GNP T . 21.66 -20.68 -3.75
O5' GNP T . 20.85 -20.08 -1.36
C5' GNP T . 22.12 -19.73 -0.80
C4' GNP T . 22.31 -20.59 0.44
O4' GNP T . 21.40 -20.16 1.47
C3' GNP T . 21.95 -22.05 0.17
O3' GNP T . 22.96 -22.66 0.99
C2' GNP T . 20.69 -22.40 0.88
O2' GNP T . 20.48 -23.76 1.33
C1' GNP T . 20.54 -21.26 1.85
N9 GNP T . 19.21 -20.79 2.29
C8 GNP T . 18.26 -20.21 1.54
N7 GNP T . 17.18 -19.87 2.29
C5 GNP T . 17.49 -20.19 3.55
C6 GNP T . 16.90 -20.10 4.89
O6 GNP T . 15.76 -19.57 4.96
N1 GNP T . 17.57 -20.58 5.96
C2 GNP T . 18.81 -21.15 5.89
N2 GNP T . 19.42 -21.56 7.03
N3 GNP T . 19.45 -21.27 4.72
C4 GNP T . 18.80 -20.77 3.53
MG MG U . 20.31 -19.13 -7.46
C1 EDO V . -23.88 1.56 13.65
O1 EDO V . -24.03 2.55 14.67
C2 EDO V . -24.87 1.87 12.55
O2 EDO V . -25.02 0.68 11.79
C1 EDO W . -29.13 4.94 -1.33
O1 EDO W . -28.44 4.63 -0.12
C2 EDO W . -30.52 5.48 -0.98
O2 EDO W . -31.23 4.42 -0.33
I IOD X . -6.99 0.19 2.37
I IOD Y . -17.57 -20.09 7.90
I IOD Z . -19.54 -14.12 14.39
PG GNP AA . -24.49 22.04 1.46
O1G GNP AA . -24.47 23.06 2.58
O2G GNP AA . -23.11 21.52 1.17
O3G GNP AA . -25.31 22.51 0.29
N3B GNP AA . -25.37 20.74 2.05
PB GNP AA . -25.11 20.01 3.53
O1B GNP AA . -23.88 19.16 3.51
O2B GNP AA . -25.26 21.04 4.66
O3A GNP AA . -26.37 19.03 3.58
PA GNP AA . -27.82 19.34 4.17
O1A GNP AA . -27.79 19.27 5.66
O2A GNP AA . -28.40 20.49 3.43
O5' GNP AA . -28.59 18.01 3.71
C5' GNP AA . -28.74 17.62 2.35
C4' GNP AA . -29.98 16.72 2.31
O4' GNP AA . -29.67 15.47 2.93
C3' GNP AA . -31.11 17.31 3.12
O3' GNP AA . -32.25 16.95 2.33
C2' GNP AA . -31.30 16.46 4.33
O2' GNP AA . -32.60 16.38 4.92
C1' GNP AA . -30.54 15.18 4.03
N9 GNP AA . -29.94 14.41 5.10
C8 GNP AA . -28.96 14.76 5.96
N7 GNP AA . -28.68 13.71 6.80
C5 GNP AA . -29.49 12.69 6.45
C6 GNP AA . -29.75 11.30 6.82
O6 GNP AA . -29.10 10.83 7.77
N1 GNP AA . -30.68 10.57 6.18
C2 GNP AA . -31.41 11.05 5.16
N2 GNP AA . -32.32 10.26 4.55
N3 GNP AA . -31.24 12.30 4.69
C4 GNP AA . -30.27 13.15 5.36
MG MG BA . -25.23 23.13 4.50
K K CA . -27.97 1.06 5.19
C1 EDO DA . 25.30 -4.22 -2.27
O1 EDO DA . 26.70 -4.34 -1.98
C2 EDO DA . 25.08 -4.67 -3.70
O2 EDO DA . 25.67 -3.70 -4.57
C1 EDO EA . 40.44 -31.99 -14.82
O1 EDO EA . 39.66 -31.08 -15.61
C2 EDO EA . 41.83 -31.40 -14.62
O2 EDO EA . 42.49 -32.12 -13.57
I IOD FA . 21.49 -27.72 13.73
I IOD GA . 35.44 12.80 25.91
PG GNP HA . 26.49 -22.23 -0.06
O1G GNP HA . 27.41 -23.34 -0.44
O2G GNP HA . 26.60 -21.77 1.35
O3G GNP HA . 25.09 -22.48 -0.53
N3B GNP HA . 26.96 -20.91 -1.02
PB GNP HA . 28.55 -20.39 -1.04
O1B GNP HA . 28.93 -19.68 0.24
O2B GNP HA . 29.45 -21.46 -1.58
O3A GNP HA . 28.58 -19.24 -2.17
PA GNP HA . 28.75 -19.43 -3.74
O1A GNP HA . 30.19 -19.59 -4.11
O2A GNP HA . 27.74 -20.41 -4.21
O5' GNP HA . 28.32 -17.94 -4.22
C5' GNP HA . 27.01 -17.39 -4.06
C4' GNP HA . 26.77 -16.31 -5.12
O4' GNP HA . 27.60 -15.18 -4.82
C3' GNP HA . 27.20 -16.83 -6.47
O3' GNP HA . 26.27 -16.28 -7.42
C2' GNP HA . 28.45 -16.10 -6.87
O2' GNP HA . 28.65 -15.84 -8.25
C1' GNP HA . 28.50 -14.94 -5.91
N9 GNP HA . 29.77 -14.37 -5.54
C8 GNP HA . 30.80 -14.96 -4.88
N7 GNP HA . 31.82 -14.07 -4.70
C5 GNP HA . 31.43 -12.91 -5.28
C6 GNP HA . 31.96 -11.56 -5.50
O6 GNP HA . 33.10 -11.29 -5.06
N1 GNP HA . 31.21 -10.66 -6.16
C2 GNP HA . 29.98 -10.91 -6.64
N2 GNP HA . 29.31 -9.92 -7.28
N3 GNP HA . 29.37 -12.10 -6.48
C4 GNP HA . 30.11 -13.13 -5.80
MG MG IA . 29.07 -23.51 -1.65
K K JA . 32.25 -1.47 -2.52
#